data_6CKU
#
_entry.id   6CKU
#
_cell.length_a   1.000
_cell.length_b   1.000
_cell.length_c   1.000
_cell.angle_alpha   90.00
_cell.angle_beta   90.00
_cell.angle_gamma   90.00
#
_symmetry.space_group_name_H-M   'P 1'
#
_entity_poly.entity_id   1
_entity_poly.type   'polypeptide(L)'
_entity_poly.pdbx_seq_one_letter_code
;DVQCGGGFSCHDGETCCPTSQTTWGCCPSPKAVCCDDMQHCCPAGYKCGPGGTCIS
;
_entity_poly.pdbx_strand_id   A
#
# COMPACT_ATOMS: atom_id res chain seq x y z
N ASP A 1 -17.30 -4.94 0.26
CA ASP A 1 -15.82 -4.87 0.19
C ASP A 1 -15.32 -3.50 0.65
N VAL A 2 -14.06 -3.20 0.31
CA VAL A 2 -13.45 -1.94 0.70
C VAL A 2 -13.25 -1.03 -0.51
N GLN A 3 -13.85 0.15 -0.47
CA GLN A 3 -13.75 1.10 -1.57
C GLN A 3 -12.41 1.85 -1.52
N CYS A 4 -11.57 1.62 -2.52
CA CYS A 4 -10.26 2.26 -2.59
C CYS A 4 -10.39 3.78 -2.58
N GLY A 5 -11.49 4.28 -3.13
CA GLY A 5 -11.71 5.71 -3.17
C GLY A 5 -12.19 6.19 -4.52
N GLY A 6 -13.42 5.83 -4.87
CA GLY A 6 -13.97 6.24 -6.15
C GLY A 6 -13.11 5.78 -7.31
N GLY A 7 -13.11 4.47 -7.56
CA GLY A 7 -12.32 3.93 -8.65
C GLY A 7 -12.10 2.43 -8.52
N PHE A 8 -11.08 2.05 -7.75
CA PHE A 8 -10.76 0.65 -7.55
C PHE A 8 -11.42 0.09 -6.30
N SER A 9 -11.10 -1.17 -6.00
CA SER A 9 -11.64 -1.85 -4.83
C SER A 9 -10.81 -3.09 -4.50
N CYS A 10 -10.82 -3.49 -3.24
CA CYS A 10 -10.07 -4.67 -2.81
C CYS A 10 -10.91 -5.53 -1.87
N HIS A 11 -10.40 -6.73 -1.58
CA HIS A 11 -11.12 -7.66 -0.70
C HIS A 11 -10.85 -7.39 0.76
N ASP A 12 -11.64 -8.04 1.63
CA ASP A 12 -11.50 -7.87 3.07
C ASP A 12 -10.10 -8.26 3.53
N GLY A 13 -9.49 -7.39 4.33
CA GLY A 13 -8.15 -7.65 4.82
C GLY A 13 -7.08 -7.01 3.95
N GLU A 14 -7.50 -6.49 2.80
CA GLU A 14 -6.56 -5.84 1.89
C GLU A 14 -6.49 -4.34 2.15
N THR A 15 -5.57 -3.68 1.47
CA THR A 15 -5.39 -2.24 1.63
C THR A 15 -5.21 -1.55 0.29
N CYS A 16 -5.87 -0.41 0.11
CA CYS A 16 -5.78 0.34 -1.14
C CYS A 16 -4.64 1.36 -1.07
N CYS A 17 -3.67 1.21 -1.96
CA CYS A 17 -2.52 2.10 -2.02
C CYS A 17 -2.49 2.85 -3.35
N PRO A 18 -2.48 4.20 -3.31
CA PRO A 18 -2.46 5.01 -4.52
C PRO A 18 -1.05 5.31 -5.01
N THR A 19 -0.37 4.28 -5.49
CA THR A 19 0.99 4.44 -5.98
C THR A 19 1.00 5.09 -7.37
N SER A 20 -0.18 5.51 -7.82
CA SER A 20 -0.31 6.15 -9.12
C SER A 20 -1.29 7.31 -9.05
N GLN A 21 -1.79 7.75 -10.20
CA GLN A 21 -2.74 8.85 -10.26
C GLN A 21 -4.13 8.35 -10.59
N THR A 22 -4.21 7.25 -11.33
CA THR A 22 -5.48 6.66 -11.71
C THR A 22 -5.49 5.16 -11.45
N THR A 23 -4.44 4.66 -10.82
CA THR A 23 -4.33 3.24 -10.52
C THR A 23 -4.27 3.00 -9.01
N TRP A 24 -4.75 1.83 -8.60
CA TRP A 24 -4.75 1.45 -7.19
C TRP A 24 -4.17 0.05 -7.01
N GLY A 25 -3.33 -0.11 -5.99
CA GLY A 25 -2.73 -1.40 -5.74
C GLY A 25 -3.22 -2.03 -4.44
N CYS A 26 -3.33 -3.37 -4.45
CA CYS A 26 -3.78 -4.10 -3.27
C CYS A 26 -2.59 -4.53 -2.42
N CYS A 27 -2.53 -4.03 -1.19
CA CYS A 27 -1.44 -4.34 -0.28
C CYS A 27 -1.95 -4.88 1.06
N PRO A 28 -1.09 -5.58 1.82
CA PRO A 28 -1.47 -6.14 3.13
C PRO A 28 -1.34 -5.11 4.25
N SER A 29 -1.83 -5.47 5.43
CA SER A 29 -1.78 -4.59 6.61
C SER A 29 -2.60 -3.33 6.38
N PRO A 30 -3.59 -3.05 7.26
CA PRO A 30 -4.45 -1.87 7.15
C PRO A 30 -3.68 -0.56 7.22
N LYS A 31 -2.93 -0.36 8.29
CA LYS A 31 -2.15 0.87 8.48
C LYS A 31 -0.78 0.77 7.81
N ALA A 32 -0.66 -0.12 6.84
CA ALA A 32 0.59 -0.32 6.11
C ALA A 32 1.05 0.98 5.45
N VAL A 33 2.33 1.05 5.11
CA VAL A 33 2.89 2.23 4.45
C VAL A 33 3.29 1.89 3.03
N CYS A 34 2.55 2.43 2.06
CA CYS A 34 2.82 2.16 0.66
C CYS A 34 4.07 2.89 0.17
N CYS A 35 5.12 2.11 -0.14
CA CYS A 35 6.36 2.67 -0.65
C CYS A 35 6.08 3.40 -1.95
N ASP A 36 6.34 4.71 -1.94
CA ASP A 36 6.09 5.54 -3.11
C ASP A 36 7.36 5.84 -3.91
N ASP A 37 8.53 5.48 -3.37
CA ASP A 37 9.78 5.71 -4.08
C ASP A 37 9.72 5.04 -5.45
N MET A 38 9.18 3.83 -5.47
CA MET A 38 9.04 3.07 -6.70
C MET A 38 7.63 2.49 -6.78
N GLN A 39 7.47 1.26 -6.33
CA GLN A 39 6.16 0.61 -6.32
C GLN A 39 6.12 -0.46 -5.23
N HIS A 40 5.85 -0.06 -3.99
CA HIS A 40 5.82 -1.05 -2.91
C HIS A 40 5.00 -0.60 -1.71
N CYS A 41 5.06 -1.40 -0.65
CA CYS A 41 4.35 -1.16 0.58
C CYS A 41 4.88 -2.07 1.69
N CYS A 42 4.75 -1.64 2.94
CA CYS A 42 5.25 -2.43 4.07
C CYS A 42 4.25 -2.43 5.22
N PRO A 43 4.25 -3.50 6.03
CA PRO A 43 3.33 -3.64 7.17
C PRO A 43 3.41 -2.48 8.15
N ALA A 44 2.24 -2.04 8.58
CA ALA A 44 2.13 -0.93 9.53
C ALA A 44 3.17 -1.04 10.63
N GLY A 45 4.08 -0.07 10.67
CA GLY A 45 5.12 -0.07 11.68
C GLY A 45 6.51 -0.10 11.09
N TYR A 46 6.63 -0.37 9.80
CA TYR A 46 7.93 -0.42 9.15
C TYR A 46 8.16 0.80 8.27
N LYS A 47 9.40 0.98 7.84
CA LYS A 47 9.77 2.12 6.98
C LYS A 47 10.58 1.63 5.78
N CYS A 48 10.50 2.36 4.68
CA CYS A 48 11.23 2.00 3.47
C CYS A 48 12.65 2.53 3.50
N GLY A 49 13.62 1.63 3.34
CA GLY A 49 15.02 2.02 3.36
C GLY A 49 15.67 1.94 1.99
N PRO A 50 16.91 2.44 1.85
CA PRO A 50 17.64 2.42 0.58
C PRO A 50 18.13 1.03 0.20
N GLY A 51 17.93 0.07 1.11
CA GLY A 51 18.37 -1.29 0.85
C GLY A 51 17.35 -2.09 0.08
N GLY A 52 16.37 -1.40 -0.51
CA GLY A 52 15.33 -2.07 -1.27
C GLY A 52 14.31 -2.75 -0.39
N THR A 53 14.66 -2.94 0.88
CA THR A 53 13.76 -3.59 1.83
C THR A 53 13.26 -2.59 2.87
N CYS A 54 12.47 -3.07 3.83
CA CYS A 54 11.93 -2.21 4.88
C CYS A 54 12.57 -2.51 6.22
N ILE A 55 12.66 -1.48 7.05
CA ILE A 55 13.24 -1.61 8.38
C ILE A 55 12.22 -1.29 9.46
N SER A 56 12.67 -1.28 10.72
CA SER A 56 11.79 -0.98 11.84
C SER A 56 12.48 -0.06 12.84
N ASP A 1 -17.79 -5.14 -1.23
CA ASP A 1 -16.35 -5.00 -0.96
C ASP A 1 -16.01 -3.60 -0.47
N VAL A 2 -14.71 -3.29 -0.41
CA VAL A 2 -14.25 -1.98 0.04
C VAL A 2 -13.85 -1.11 -1.15
N GLN A 3 -14.39 0.10 -1.20
CA GLN A 3 -14.07 1.04 -2.28
C GLN A 3 -12.78 1.79 -1.97
N CYS A 4 -11.76 1.58 -2.79
CA CYS A 4 -10.47 2.23 -2.63
C CYS A 4 -10.62 3.75 -2.55
N GLY A 5 -10.71 4.39 -3.70
CA GLY A 5 -10.85 5.83 -3.75
C GLY A 5 -11.38 6.32 -5.08
N GLY A 6 -10.54 6.24 -6.11
CA GLY A 6 -10.95 6.68 -7.43
C GLY A 6 -11.99 5.75 -8.04
N GLY A 7 -11.58 4.52 -8.35
CA GLY A 7 -12.49 3.57 -8.94
C GLY A 7 -12.12 2.12 -8.68
N PHE A 8 -11.09 1.90 -7.86
CA PHE A 8 -10.65 0.54 -7.55
C PHE A 8 -11.35 0.02 -6.30
N SER A 9 -10.99 -1.21 -5.90
CA SER A 9 -11.58 -1.83 -4.72
C SER A 9 -10.77 -3.05 -4.29
N CYS A 10 -10.85 -3.40 -3.01
CA CYS A 10 -10.12 -4.55 -2.48
C CYS A 10 -11.00 -5.35 -1.54
N HIS A 11 -10.45 -6.46 -1.05
CA HIS A 11 -11.19 -7.35 -0.14
C HIS A 11 -11.08 -6.88 1.31
N ASP A 12 -11.96 -7.40 2.15
CA ASP A 12 -11.97 -7.06 3.56
C ASP A 12 -10.62 -7.37 4.20
N GLY A 13 -10.10 -6.42 4.97
CA GLY A 13 -8.81 -6.62 5.61
C GLY A 13 -7.67 -6.09 4.78
N GLU A 14 -7.96 -5.72 3.54
CA GLU A 14 -6.94 -5.19 2.64
C GLU A 14 -6.87 -3.67 2.74
N THR A 15 -5.84 -3.09 2.14
CA THR A 15 -5.66 -1.65 2.16
C THR A 15 -5.36 -1.11 0.76
N CYS A 16 -6.06 -0.05 0.38
CA CYS A 16 -5.86 0.57 -0.93
C CYS A 16 -4.80 1.66 -0.85
N CYS A 17 -3.76 1.53 -1.66
CA CYS A 17 -2.68 2.50 -1.67
C CYS A 17 -2.45 3.04 -3.08
N PRO A 18 -2.55 4.37 -3.26
CA PRO A 18 -2.36 5.00 -4.56
C PRO A 18 -0.88 5.22 -4.87
N THR A 19 -0.24 4.17 -5.40
CA THR A 19 1.17 4.24 -5.74
C THR A 19 1.37 4.76 -7.16
N SER A 20 0.28 5.13 -7.81
CA SER A 20 0.32 5.66 -9.17
C SER A 20 -0.77 6.69 -9.39
N GLN A 21 -0.92 7.13 -10.63
CA GLN A 21 -1.92 8.12 -10.97
C GLN A 21 -3.34 7.57 -10.82
N THR A 22 -3.75 6.73 -11.77
CA THR A 22 -5.08 6.14 -11.74
C THR A 22 -5.01 4.65 -11.40
N THR A 23 -3.95 4.25 -10.72
CA THR A 23 -3.78 2.85 -10.32
C THR A 23 -3.91 2.70 -8.82
N TRP A 24 -4.18 1.47 -8.38
CA TRP A 24 -4.33 1.19 -6.95
C TRP A 24 -3.70 -0.14 -6.57
N GLY A 25 -2.89 -0.11 -5.52
CA GLY A 25 -2.23 -1.33 -5.06
C GLY A 25 -2.90 -1.87 -3.81
N CYS A 26 -3.03 -3.19 -3.74
CA CYS A 26 -3.66 -3.84 -2.61
C CYS A 26 -2.62 -4.40 -1.63
N CYS A 27 -2.69 -3.93 -0.38
CA CYS A 27 -1.76 -4.38 0.65
C CYS A 27 -2.51 -5.20 1.70
N PRO A 28 -1.91 -6.33 2.16
CA PRO A 28 -2.53 -7.21 3.15
C PRO A 28 -2.50 -6.62 4.56
N SER A 29 -1.62 -5.65 4.78
CA SER A 29 -1.50 -5.01 6.09
C SER A 29 -2.38 -3.77 6.19
N PRO A 30 -3.02 -3.53 7.35
CA PRO A 30 -3.89 -2.38 7.56
C PRO A 30 -3.11 -1.06 7.59
N LYS A 31 -2.38 -0.83 8.67
CA LYS A 31 -1.59 0.40 8.81
C LYS A 31 -0.35 0.38 7.93
N ALA A 32 -0.39 -0.37 6.83
CA ALA A 32 0.74 -0.46 5.92
C ALA A 32 0.97 0.88 5.23
N VAL A 33 2.24 1.30 5.17
CA VAL A 33 2.59 2.57 4.54
C VAL A 33 2.74 2.39 3.03
N CYS A 34 2.07 3.25 2.25
CA CYS A 34 2.14 3.16 0.81
C CYS A 34 3.45 3.73 0.27
N CYS A 35 4.47 2.87 0.16
CA CYS A 35 5.76 3.29 -0.37
C CYS A 35 5.58 3.97 -1.71
N ASP A 36 5.77 5.28 -1.73
CA ASP A 36 5.59 6.08 -2.94
C ASP A 36 6.92 6.34 -3.65
N ASP A 37 8.04 6.06 -2.98
CA ASP A 37 9.35 6.27 -3.61
C ASP A 37 9.39 5.56 -4.96
N MET A 38 8.82 4.36 -4.97
CA MET A 38 8.75 3.56 -6.18
C MET A 38 7.29 3.23 -6.48
N GLN A 39 6.87 2.01 -6.18
CA GLN A 39 5.48 1.61 -6.36
C GLN A 39 5.15 0.43 -5.44
N HIS A 40 4.89 0.67 -4.16
CA HIS A 40 4.61 -0.43 -3.25
C HIS A 40 4.13 0.03 -1.88
N CYS A 41 4.01 -0.94 -0.97
CA CYS A 41 3.58 -0.67 0.40
C CYS A 41 4.41 -1.49 1.39
N CYS A 42 4.71 -0.89 2.54
CA CYS A 42 5.50 -1.55 3.57
C CYS A 42 4.63 -1.85 4.80
N PRO A 43 4.92 -2.95 5.50
CA PRO A 43 4.17 -3.36 6.70
C PRO A 43 3.89 -2.22 7.66
N ALA A 44 2.77 -2.34 8.38
CA ALA A 44 2.36 -1.34 9.35
C ALA A 44 3.50 -0.99 10.30
N GLY A 45 3.80 0.29 10.38
CA GLY A 45 4.86 0.76 11.27
C GLY A 45 6.26 0.54 10.72
N TYR A 46 6.38 0.29 9.41
CA TYR A 46 7.69 0.09 8.81
C TYR A 46 7.94 1.12 7.71
N LYS A 47 9.20 1.29 7.32
CA LYS A 47 9.56 2.26 6.29
C LYS A 47 10.48 1.62 5.24
N CYS A 48 10.51 2.23 4.05
CA CYS A 48 11.35 1.73 2.96
C CYS A 48 12.76 2.29 3.07
N GLY A 49 13.75 1.41 3.16
CA GLY A 49 15.13 1.83 3.25
C GLY A 49 15.98 1.27 2.13
N PRO A 50 17.31 1.51 2.16
CA PRO A 50 18.22 1.02 1.13
C PRO A 50 18.13 -0.49 0.94
N GLY A 51 17.94 -0.91 -0.31
CA GLY A 51 17.83 -2.32 -0.61
C GLY A 51 16.44 -2.71 -1.11
N GLY A 52 15.46 -1.89 -0.80
CA GLY A 52 14.10 -2.16 -1.21
C GLY A 52 13.34 -3.00 -0.21
N THR A 53 13.70 -2.86 1.06
CA THR A 53 13.04 -3.61 2.12
C THR A 53 12.43 -2.67 3.15
N CYS A 54 11.63 -3.23 4.06
CA CYS A 54 10.99 -2.43 5.10
C CYS A 54 11.65 -2.68 6.45
N ILE A 55 12.09 -1.59 7.09
CA ILE A 55 12.75 -1.68 8.38
C ILE A 55 12.05 -0.80 9.40
N SER A 56 12.61 -0.74 10.61
CA SER A 56 12.04 0.06 11.68
C SER A 56 12.95 1.26 12.01
N ASP A 1 -15.76 -5.58 0.40
CA ASP A 1 -14.62 -4.89 -0.24
C ASP A 1 -14.27 -3.59 0.48
N VAL A 2 -13.28 -2.89 -0.04
CA VAL A 2 -12.85 -1.63 0.56
C VAL A 2 -12.69 -0.54 -0.51
N GLN A 3 -13.46 0.54 -0.37
CA GLN A 3 -13.40 1.64 -1.32
C GLN A 3 -11.99 2.22 -1.40
N CYS A 4 -11.23 1.73 -2.37
CA CYS A 4 -9.85 2.18 -2.57
C CYS A 4 -9.74 3.70 -2.57
N GLY A 5 -10.67 4.35 -3.27
CA GLY A 5 -10.65 5.79 -3.32
C GLY A 5 -11.18 6.33 -4.63
N GLY A 6 -10.36 6.30 -5.68
CA GLY A 6 -10.79 6.79 -6.97
C GLY A 6 -11.46 5.74 -7.83
N GLY A 7 -12.57 5.19 -7.34
CA GLY A 7 -13.31 4.20 -8.09
C GLY A 7 -12.76 2.79 -8.02
N PHE A 8 -11.66 2.58 -7.31
CA PHE A 8 -11.09 1.24 -7.21
C PHE A 8 -11.61 0.51 -5.98
N SER A 9 -11.08 -0.69 -5.76
CA SER A 9 -11.47 -1.50 -4.62
C SER A 9 -10.55 -2.71 -4.45
N CYS A 10 -10.49 -3.24 -3.22
CA CYS A 10 -9.66 -4.39 -2.93
C CYS A 10 -10.46 -5.43 -2.16
N HIS A 11 -9.83 -6.57 -1.87
CA HIS A 11 -10.50 -7.64 -1.14
C HIS A 11 -10.37 -7.45 0.36
N ASP A 12 -11.19 -8.17 1.12
CA ASP A 12 -11.16 -8.07 2.58
C ASP A 12 -9.78 -8.40 3.11
N GLY A 13 -9.23 -7.50 3.92
CA GLY A 13 -7.92 -7.72 4.51
C GLY A 13 -6.81 -7.01 3.74
N GLU A 14 -7.14 -6.45 2.58
CA GLU A 14 -6.14 -5.75 1.77
C GLU A 14 -6.23 -4.24 1.96
N THR A 15 -5.18 -3.55 1.55
CA THR A 15 -5.10 -2.09 1.66
C THR A 15 -4.90 -1.44 0.30
N CYS A 16 -5.62 -0.37 0.06
CA CYS A 16 -5.54 0.35 -1.21
C CYS A 16 -4.48 1.44 -1.15
N CYS A 17 -3.52 1.37 -2.07
CA CYS A 17 -2.45 2.35 -2.14
C CYS A 17 -2.34 2.93 -3.55
N PRO A 18 -2.45 4.26 -3.69
CA PRO A 18 -2.38 4.92 -4.99
C PRO A 18 -0.94 5.23 -5.42
N THR A 19 -0.24 4.20 -5.87
CA THR A 19 1.15 4.35 -6.30
C THR A 19 1.24 4.96 -7.69
N SER A 20 0.12 5.46 -8.20
CA SER A 20 0.07 6.07 -9.51
C SER A 20 -0.98 7.19 -9.58
N GLN A 21 -1.97 7.05 -10.46
CA GLN A 21 -3.01 8.05 -10.59
C GLN A 21 -4.30 7.42 -11.11
N THR A 22 -4.16 6.32 -11.84
CA THR A 22 -5.32 5.62 -12.40
C THR A 22 -5.30 4.15 -12.00
N THR A 23 -4.32 3.76 -11.19
CA THR A 23 -4.19 2.38 -10.75
C THR A 23 -4.10 2.31 -9.22
N TRP A 24 -4.68 1.27 -8.65
CA TRP A 24 -4.66 1.09 -7.20
C TRP A 24 -4.10 -0.28 -6.83
N GLY A 25 -3.23 -0.31 -5.82
CA GLY A 25 -2.63 -1.57 -5.41
C GLY A 25 -3.23 -2.09 -4.11
N CYS A 26 -3.35 -3.41 -4.02
CA CYS A 26 -3.88 -4.06 -2.82
C CYS A 26 -2.75 -4.70 -2.02
N CYS A 27 -2.66 -4.35 -0.75
CA CYS A 27 -1.62 -4.89 0.12
C CYS A 27 -2.21 -5.58 1.33
N PRO A 28 -1.91 -6.88 1.53
CA PRO A 28 -2.42 -7.65 2.67
C PRO A 28 -1.78 -7.21 3.99
N SER A 29 -2.30 -6.13 4.56
CA SER A 29 -1.78 -5.60 5.82
C SER A 29 -2.73 -4.56 6.41
N PRO A 30 -2.65 -4.30 7.73
CA PRO A 30 -3.51 -3.32 8.39
C PRO A 30 -3.20 -1.89 7.94
N LYS A 31 -2.87 -1.02 8.89
CA LYS A 31 -2.56 0.38 8.59
C LYS A 31 -1.13 0.51 8.05
N ALA A 32 -0.82 -0.24 7.01
CA ALA A 32 0.50 -0.21 6.40
C ALA A 32 0.76 1.13 5.71
N VAL A 33 2.04 1.45 5.52
CA VAL A 33 2.44 2.68 4.86
C VAL A 33 2.73 2.42 3.40
N CYS A 34 2.01 3.11 2.51
CA CYS A 34 2.20 2.92 1.08
C CYS A 34 3.53 3.49 0.59
N CYS A 35 4.53 2.61 0.43
CA CYS A 35 5.84 3.03 -0.06
C CYS A 35 5.66 3.76 -1.38
N ASP A 36 5.93 5.07 -1.36
CA ASP A 36 5.78 5.91 -2.53
C ASP A 36 7.09 6.16 -3.26
N ASP A 37 8.22 5.83 -2.64
CA ASP A 37 9.52 6.04 -3.29
C ASP A 37 9.53 5.37 -4.64
N MET A 38 8.98 4.17 -4.69
CA MET A 38 8.88 3.39 -5.92
C MET A 38 7.44 2.93 -6.13
N GLN A 39 7.16 1.69 -5.75
CA GLN A 39 5.81 1.15 -5.87
C GLN A 39 5.63 0.02 -4.86
N HIS A 40 5.33 0.36 -3.59
CA HIS A 40 5.18 -0.70 -2.59
C HIS A 40 4.46 -0.23 -1.33
N CYS A 41 4.43 -1.14 -0.34
CA CYS A 41 3.80 -0.88 0.94
C CYS A 41 4.59 -1.57 2.06
N CYS A 42 4.60 -0.95 3.24
CA CYS A 42 5.33 -1.49 4.38
C CYS A 42 4.37 -1.80 5.53
N PRO A 43 4.45 -3.01 6.11
CA PRO A 43 3.60 -3.44 7.22
C PRO A 43 3.48 -2.39 8.32
N ALA A 44 2.26 -2.15 8.76
CA ALA A 44 1.99 -1.17 9.81
C ALA A 44 2.98 -1.30 10.97
N GLY A 45 3.92 -0.37 11.04
CA GLY A 45 4.91 -0.40 12.09
C GLY A 45 6.32 -0.45 11.57
N TYR A 46 6.48 -0.46 10.24
CA TYR A 46 7.79 -0.49 9.62
C TYR A 46 7.94 0.63 8.60
N LYS A 47 9.17 0.93 8.21
CA LYS A 47 9.44 1.98 7.25
C LYS A 47 10.09 1.41 5.99
N CYS A 48 9.96 2.12 4.88
CA CYS A 48 10.53 1.67 3.61
C CYS A 48 11.97 2.19 3.44
N GLY A 49 12.92 1.28 3.35
CA GLY A 49 14.31 1.66 3.20
C GLY A 49 14.75 1.67 1.74
N PRO A 50 16.03 1.97 1.46
CA PRO A 50 16.57 2.01 0.10
C PRO A 50 16.95 0.63 -0.42
N GLY A 51 16.49 -0.41 0.27
CA GLY A 51 16.81 -1.77 -0.13
C GLY A 51 15.59 -2.54 -0.58
N GLY A 52 14.49 -1.83 -0.81
CA GLY A 52 13.25 -2.48 -1.24
C GLY A 52 12.66 -3.35 -0.16
N THR A 53 13.00 -3.06 1.09
CA THR A 53 12.49 -3.83 2.23
C THR A 53 12.10 -2.89 3.37
N CYS A 54 11.35 -3.43 4.34
CA CYS A 54 10.92 -2.65 5.49
C CYS A 54 11.86 -2.82 6.66
N ILE A 55 12.23 -1.72 7.30
CA ILE A 55 13.14 -1.75 8.43
C ILE A 55 12.54 -1.01 9.63
N SER A 56 13.11 -1.23 10.80
CA SER A 56 12.64 -0.58 12.03
C SER A 56 12.99 0.90 12.02
N ASP A 1 -17.20 -6.33 -1.10
CA ASP A 1 -15.83 -5.75 -1.19
C ASP A 1 -15.78 -4.36 -0.57
N VAL A 2 -14.56 -3.83 -0.41
CA VAL A 2 -14.37 -2.51 0.16
C VAL A 2 -14.03 -1.49 -0.92
N GLN A 3 -14.69 -0.34 -0.87
CA GLN A 3 -14.45 0.71 -1.85
C GLN A 3 -13.24 1.55 -1.45
N CYS A 4 -12.21 1.53 -2.29
CA CYS A 4 -11.00 2.29 -2.02
C CYS A 4 -11.26 3.78 -1.95
N GLY A 5 -11.43 4.37 -3.13
CA GLY A 5 -11.67 5.79 -3.24
C GLY A 5 -10.92 6.39 -4.42
N GLY A 6 -11.29 5.94 -5.60
CA GLY A 6 -10.64 6.41 -6.81
C GLY A 6 -10.95 5.52 -8.00
N GLY A 7 -11.84 4.55 -7.80
CA GLY A 7 -12.22 3.65 -8.87
C GLY A 7 -11.85 2.21 -8.61
N PHE A 8 -11.00 1.96 -7.61
CA PHE A 8 -10.58 0.60 -7.30
C PHE A 8 -11.16 0.10 -5.99
N SER A 9 -10.78 -1.12 -5.62
CA SER A 9 -11.26 -1.74 -4.39
C SER A 9 -10.25 -2.79 -3.89
N CYS A 10 -10.32 -3.12 -2.61
CA CYS A 10 -9.42 -4.11 -2.02
C CYS A 10 -10.22 -5.18 -1.27
N HIS A 11 -9.56 -6.30 -0.99
CA HIS A 11 -10.20 -7.40 -0.28
C HIS A 11 -10.14 -7.18 1.23
N ASP A 12 -10.84 -8.03 1.97
CA ASP A 12 -10.88 -7.93 3.42
C ASP A 12 -9.48 -8.07 4.01
N GLY A 13 -9.10 -7.12 4.85
CA GLY A 13 -7.79 -7.16 5.47
C GLY A 13 -6.74 -6.40 4.69
N GLU A 14 -7.08 -5.99 3.46
CA GLU A 14 -6.14 -5.25 2.63
C GLU A 14 -6.45 -3.76 2.65
N THR A 15 -5.47 -2.95 2.23
CA THR A 15 -5.63 -1.51 2.19
C THR A 15 -5.28 -0.97 0.80
N CYS A 16 -6.04 0.00 0.33
CA CYS A 16 -5.79 0.56 -0.99
C CYS A 16 -4.82 1.73 -0.92
N CYS A 17 -3.75 1.65 -1.72
CA CYS A 17 -2.72 2.69 -1.77
C CYS A 17 -2.50 3.17 -3.20
N PRO A 18 -2.38 4.49 -3.40
CA PRO A 18 -2.18 5.08 -4.72
C PRO A 18 -0.70 5.13 -5.10
N THR A 19 -0.35 4.39 -6.15
CA THR A 19 1.04 4.35 -6.62
C THR A 19 1.31 5.43 -7.68
N SER A 20 0.24 6.04 -8.18
CA SER A 20 0.38 7.08 -9.19
C SER A 20 -0.77 8.10 -9.10
N GLN A 21 -1.70 8.04 -10.03
CA GLN A 21 -2.84 8.96 -10.04
C GLN A 21 -4.11 8.24 -10.48
N THR A 22 -3.96 7.13 -11.19
CA THR A 22 -5.09 6.36 -11.66
C THR A 22 -4.91 4.88 -11.35
N THR A 23 -3.90 4.57 -10.55
CA THR A 23 -3.61 3.20 -10.16
C THR A 23 -3.81 2.99 -8.67
N TRP A 24 -4.22 1.78 -8.29
CA TRP A 24 -4.45 1.45 -6.89
C TRP A 24 -3.93 0.05 -6.57
N GLY A 25 -3.37 -0.11 -5.38
CA GLY A 25 -2.84 -1.39 -4.98
C GLY A 25 -3.39 -1.86 -3.64
N CYS A 26 -3.28 -3.16 -3.37
CA CYS A 26 -3.77 -3.73 -2.13
C CYS A 26 -2.59 -4.03 -1.19
N CYS A 27 -2.71 -3.57 0.06
CA CYS A 27 -1.67 -3.78 1.05
C CYS A 27 -2.14 -4.79 2.10
N PRO A 28 -1.28 -5.76 2.46
CA PRO A 28 -1.61 -6.79 3.45
C PRO A 28 -1.54 -6.27 4.89
N SER A 29 -1.90 -5.01 5.09
CA SER A 29 -1.87 -4.40 6.41
C SER A 29 -2.71 -3.13 6.45
N PRO A 30 -3.49 -2.93 7.53
CA PRO A 30 -4.34 -1.75 7.68
C PRO A 30 -3.54 -0.45 7.63
N LYS A 31 -2.74 -0.21 8.66
CA LYS A 31 -1.92 1.00 8.74
C LYS A 31 -0.58 0.81 8.03
N ALA A 32 -0.61 0.07 6.93
CA ALA A 32 0.60 -0.19 6.15
C ALA A 32 1.14 1.10 5.54
N VAL A 33 2.41 1.08 5.14
CA VAL A 33 3.03 2.25 4.52
C VAL A 33 3.31 1.95 3.05
N CYS A 34 2.46 2.48 2.18
CA CYS A 34 2.62 2.26 0.74
C CYS A 34 3.86 2.96 0.21
N CYS A 35 4.93 2.20 0.05
CA CYS A 35 6.18 2.74 -0.49
C CYS A 35 5.90 3.50 -1.77
N ASP A 36 5.98 4.82 -1.69
CA ASP A 36 5.70 5.69 -2.83
C ASP A 36 6.97 6.03 -3.61
N ASP A 37 8.14 5.84 -2.99
CA ASP A 37 9.40 6.14 -3.66
C ASP A 37 9.43 5.46 -5.02
N MET A 38 8.93 4.24 -5.06
CA MET A 38 8.88 3.46 -6.30
C MET A 38 7.47 2.88 -6.48
N GLN A 39 7.30 1.62 -6.11
CA GLN A 39 6.00 0.96 -6.19
C GLN A 39 5.94 -0.20 -5.19
N HIS A 40 5.64 0.10 -3.92
CA HIS A 40 5.61 -0.97 -2.91
C HIS A 40 4.78 -0.62 -1.69
N CYS A 41 4.85 -1.52 -0.70
CA CYS A 41 4.12 -1.35 0.56
C CYS A 41 4.90 -1.96 1.71
N CYS A 42 4.71 -1.41 2.90
CA CYS A 42 5.40 -1.91 4.10
C CYS A 42 4.38 -2.24 5.19
N PRO A 43 4.55 -3.39 5.87
CA PRO A 43 3.63 -3.82 6.93
C PRO A 43 3.49 -2.79 8.05
N ALA A 44 2.25 -2.51 8.43
CA ALA A 44 1.95 -1.55 9.48
C ALA A 44 2.90 -1.70 10.66
N GLY A 45 3.66 -0.64 10.93
CA GLY A 45 4.60 -0.66 12.03
C GLY A 45 6.05 -0.64 11.57
N TYR A 46 6.25 -0.75 10.26
CA TYR A 46 7.61 -0.73 9.71
C TYR A 46 7.83 0.50 8.84
N LYS A 47 9.07 0.72 8.43
CA LYS A 47 9.42 1.87 7.60
C LYS A 47 10.03 1.42 6.29
N CYS A 48 9.92 2.27 5.27
CA CYS A 48 10.46 1.97 3.94
C CYS A 48 11.93 2.36 3.87
N GLY A 49 12.69 1.65 3.03
CA GLY A 49 14.10 1.93 2.89
C GLY A 49 14.65 1.55 1.53
N PRO A 50 15.91 1.94 1.23
CA PRO A 50 16.54 1.61 -0.07
C PRO A 50 16.65 0.12 -0.29
N GLY A 51 16.49 -0.30 -1.54
CA GLY A 51 16.58 -1.72 -1.88
C GLY A 51 15.23 -2.42 -1.86
N GLY A 52 14.16 -1.62 -1.89
CA GLY A 52 12.82 -2.18 -1.90
C GLY A 52 12.58 -3.16 -0.76
N THR A 53 13.00 -2.78 0.45
CA THR A 53 12.83 -3.63 1.62
C THR A 53 12.28 -2.85 2.80
N CYS A 54 11.55 -3.54 3.67
CA CYS A 54 10.97 -2.92 4.85
C CYS A 54 11.89 -3.12 6.05
N ILE A 55 12.26 -2.01 6.70
CA ILE A 55 13.14 -2.06 7.86
C ILE A 55 12.40 -1.68 9.14
N SER A 56 12.84 -2.23 10.26
CA SER A 56 12.23 -1.94 11.55
C SER A 56 12.74 -0.62 12.12
N ASP A 1 -16.19 -4.75 0.14
CA ASP A 1 -14.89 -4.27 -0.37
C ASP A 1 -14.39 -3.07 0.44
N VAL A 2 -13.37 -2.40 -0.08
CA VAL A 2 -12.80 -1.23 0.60
C VAL A 2 -12.51 -0.11 -0.40
N GLN A 3 -13.58 0.50 -0.93
CA GLN A 3 -13.49 1.58 -1.90
C GLN A 3 -12.16 2.32 -1.81
N CYS A 4 -11.28 2.05 -2.79
CA CYS A 4 -9.97 2.69 -2.84
C CYS A 4 -10.10 4.20 -3.03
N GLY A 5 -11.16 4.61 -3.71
CA GLY A 5 -11.38 6.03 -3.94
C GLY A 5 -11.93 6.32 -5.33
N GLY A 6 -13.11 5.79 -5.62
CA GLY A 6 -13.72 6.01 -6.91
C GLY A 6 -12.89 5.42 -8.04
N GLY A 7 -12.74 4.10 -8.03
CA GLY A 7 -11.95 3.44 -9.06
C GLY A 7 -11.73 1.96 -8.77
N PHE A 8 -10.76 1.67 -7.89
CA PHE A 8 -10.45 0.30 -7.55
C PHE A 8 -11.10 -0.11 -6.23
N SER A 9 -10.78 -1.31 -5.77
CA SER A 9 -11.32 -1.83 -4.52
C SER A 9 -10.37 -2.85 -3.90
N CYS A 10 -10.45 -2.99 -2.58
CA CYS A 10 -9.59 -3.94 -1.86
C CYS A 10 -10.43 -4.86 -0.98
N HIS A 11 -9.98 -6.11 -0.85
CA HIS A 11 -10.70 -7.10 -0.06
C HIS A 11 -10.33 -6.97 1.42
N ASP A 12 -10.98 -7.75 2.27
CA ASP A 12 -10.72 -7.72 3.71
C ASP A 12 -9.26 -8.03 4.00
N GLY A 13 -8.61 -7.11 4.72
CA GLY A 13 -7.21 -7.29 5.05
C GLY A 13 -6.29 -6.54 4.11
N GLU A 14 -6.81 -6.18 2.94
CA GLU A 14 -6.02 -5.46 1.95
C GLU A 14 -6.23 -3.95 2.10
N THR A 15 -5.22 -3.19 1.68
CA THR A 15 -5.27 -1.74 1.75
C THR A 15 -5.08 -1.11 0.37
N CYS A 16 -5.76 -0.01 0.13
CA CYS A 16 -5.65 0.69 -1.15
C CYS A 16 -4.53 1.73 -1.10
N CYS A 17 -3.53 1.55 -1.97
CA CYS A 17 -2.40 2.47 -2.03
C CYS A 17 -2.28 3.07 -3.43
N PRO A 18 -2.27 4.41 -3.52
CA PRO A 18 -2.17 5.12 -4.79
C PRO A 18 -0.73 5.39 -5.17
N THR A 19 -0.09 4.41 -5.80
CA THR A 19 1.30 4.54 -6.22
C THR A 19 1.41 5.20 -7.59
N SER A 20 0.26 5.54 -8.16
CA SER A 20 0.21 6.19 -9.47
C SER A 20 -1.01 7.09 -9.60
N GLN A 21 -1.86 7.06 -8.58
CA GLN A 21 -3.09 7.86 -8.56
C GLN A 21 -4.15 7.27 -9.48
N THR A 22 -3.71 6.70 -10.60
CA THR A 22 -4.63 6.10 -11.57
C THR A 22 -4.71 4.59 -11.38
N THR A 23 -3.64 4.02 -10.82
CA THR A 23 -3.59 2.59 -10.57
C THR A 23 -3.51 2.30 -9.07
N TRP A 24 -4.60 1.80 -8.51
CA TRP A 24 -4.66 1.49 -7.09
C TRP A 24 -4.17 0.07 -6.81
N GLY A 25 -3.40 -0.08 -5.73
CA GLY A 25 -2.88 -1.39 -5.37
C GLY A 25 -3.43 -1.91 -4.04
N CYS A 26 -3.58 -3.23 -3.94
CA CYS A 26 -4.07 -3.85 -2.71
C CYS A 26 -2.92 -4.41 -1.89
N CYS A 27 -2.89 -4.07 -0.60
CA CYS A 27 -1.81 -4.52 0.27
C CYS A 27 -2.35 -5.17 1.55
N PRO A 28 -2.09 -6.47 1.75
CA PRO A 28 -2.56 -7.21 2.93
C PRO A 28 -1.92 -6.69 4.23
N SER A 29 -2.46 -5.60 4.75
CA SER A 29 -1.98 -5.00 5.98
C SER A 29 -2.81 -3.78 6.35
N PRO A 30 -3.33 -3.71 7.58
CA PRO A 30 -4.16 -2.59 8.05
C PRO A 30 -3.59 -1.22 7.67
N LYS A 31 -2.87 -0.60 8.61
CA LYS A 31 -2.29 0.72 8.35
C LYS A 31 -0.93 0.59 7.66
N ALA A 32 -0.89 -0.22 6.61
CA ALA A 32 0.35 -0.45 5.86
C ALA A 32 0.92 0.86 5.33
N VAL A 33 2.19 0.82 4.94
CA VAL A 33 2.89 1.97 4.39
C VAL A 33 3.28 1.69 2.95
N CYS A 34 2.51 2.25 2.02
CA CYS A 34 2.76 2.04 0.60
C CYS A 34 3.95 2.83 0.09
N CYS A 35 5.04 2.12 -0.23
CA CYS A 35 6.25 2.76 -0.75
C CYS A 35 5.91 3.44 -2.07
N ASP A 36 6.17 4.75 -2.13
CA ASP A 36 5.87 5.54 -3.31
C ASP A 36 7.08 5.73 -4.23
N ASP A 37 8.28 5.38 -3.78
CA ASP A 37 9.47 5.53 -4.61
C ASP A 37 9.25 4.87 -5.96
N MET A 38 8.66 3.70 -5.94
CA MET A 38 8.36 2.95 -7.15
C MET A 38 6.95 2.39 -7.07
N GLN A 39 6.82 1.17 -6.55
CA GLN A 39 5.53 0.54 -6.36
C GLN A 39 5.61 -0.50 -5.25
N HIS A 40 5.49 -0.07 -3.99
CA HIS A 40 5.61 -1.02 -2.89
C HIS A 40 4.77 -0.64 -1.68
N CYS A 41 4.94 -1.42 -0.61
CA CYS A 41 4.23 -1.20 0.65
C CYS A 41 4.69 -2.19 1.69
N CYS A 42 4.47 -1.87 2.97
CA CYS A 42 4.89 -2.75 4.05
C CYS A 42 3.88 -2.72 5.22
N PRO A 43 3.87 -3.77 6.05
CA PRO A 43 2.95 -3.86 7.19
C PRO A 43 3.04 -2.66 8.13
N ALA A 44 1.88 -2.20 8.58
CA ALA A 44 1.78 -1.06 9.49
C ALA A 44 2.86 -1.13 10.56
N GLY A 45 3.69 -0.10 10.63
CA GLY A 45 4.74 -0.06 11.61
C GLY A 45 6.13 -0.11 10.99
N TYR A 46 6.21 -0.45 9.72
CA TYR A 46 7.49 -0.52 9.03
C TYR A 46 7.76 0.75 8.23
N LYS A 47 8.99 0.91 7.77
CA LYS A 47 9.36 2.09 6.99
C LYS A 47 10.10 1.68 5.71
N CYS A 48 10.15 2.60 4.75
CA CYS A 48 10.82 2.34 3.48
C CYS A 48 12.32 2.63 3.59
N GLY A 49 13.14 1.71 3.09
CA GLY A 49 14.58 1.90 3.15
C GLY A 49 15.21 2.09 1.78
N PRO A 50 16.48 2.52 1.73
CA PRO A 50 17.20 2.74 0.47
C PRO A 50 17.59 1.44 -0.21
N GLY A 51 17.73 0.37 0.58
CA GLY A 51 18.10 -0.91 0.02
C GLY A 51 16.92 -1.70 -0.49
N GLY A 52 15.83 -1.00 -0.82
CA GLY A 52 14.64 -1.66 -1.33
C GLY A 52 13.99 -2.55 -0.29
N THR A 53 14.43 -2.44 0.96
CA THR A 53 13.88 -3.23 2.04
C THR A 53 13.22 -2.33 3.08
N CYS A 54 12.40 -2.92 3.94
CA CYS A 54 11.70 -2.17 4.97
C CYS A 54 12.38 -2.30 6.32
N ILE A 55 12.21 -1.29 7.16
CA ILE A 55 12.81 -1.29 8.49
C ILE A 55 11.74 -1.33 9.57
N SER A 56 12.08 -1.98 10.69
CA SER A 56 11.15 -2.09 11.81
C SER A 56 11.23 -0.86 12.71
N ASP A 1 -16.99 -5.16 -0.75
CA ASP A 1 -15.57 -4.87 -1.11
C ASP A 1 -14.98 -3.79 -0.22
N VAL A 2 -13.75 -3.40 -0.49
CA VAL A 2 -13.07 -2.37 0.29
C VAL A 2 -12.66 -1.19 -0.59
N GLN A 3 -13.67 -0.52 -1.16
CA GLN A 3 -13.45 0.63 -2.05
C GLN A 3 -12.19 1.40 -1.67
N CYS A 4 -11.19 1.37 -2.55
CA CYS A 4 -9.93 2.06 -2.34
C CYS A 4 -10.12 3.57 -2.26
N GLY A 5 -10.32 4.19 -3.41
CA GLY A 5 -10.51 5.62 -3.47
C GLY A 5 -11.17 6.04 -4.76
N GLY A 6 -10.42 5.94 -5.86
CA GLY A 6 -10.96 6.30 -7.16
C GLY A 6 -12.02 5.32 -7.62
N GLY A 7 -11.61 4.07 -7.86
CA GLY A 7 -12.56 3.08 -8.32
C GLY A 7 -12.05 1.65 -8.20
N PHE A 8 -11.01 1.43 -7.40
CA PHE A 8 -10.45 0.09 -7.22
C PHE A 8 -11.09 -0.60 -6.02
N SER A 9 -10.67 -1.84 -5.78
CA SER A 9 -11.20 -2.64 -4.67
C SER A 9 -10.40 -3.92 -4.48
N CYS A 10 -10.49 -4.49 -3.28
CA CYS A 10 -9.77 -5.72 -2.96
C CYS A 10 -10.51 -6.53 -1.89
N HIS A 11 -9.87 -7.59 -1.40
CA HIS A 11 -10.48 -8.50 -0.43
C HIS A 11 -10.38 -8.00 1.02
N ASP A 12 -11.35 -8.42 1.83
CA ASP A 12 -11.41 -8.06 3.24
C ASP A 12 -10.06 -8.29 3.93
N GLY A 13 -9.68 -7.35 4.79
CA GLY A 13 -8.41 -7.46 5.48
C GLY A 13 -7.30 -6.77 4.73
N GLU A 14 -7.61 -6.28 3.54
CA GLU A 14 -6.63 -5.59 2.72
C GLU A 14 -6.68 -4.07 2.93
N THR A 15 -5.70 -3.39 2.35
CA THR A 15 -5.62 -1.93 2.40
C THR A 15 -5.15 -1.41 1.05
N CYS A 16 -5.81 -0.37 0.55
CA CYS A 16 -5.44 0.20 -0.75
C CYS A 16 -4.43 1.32 -0.57
N CYS A 17 -3.45 1.36 -1.47
CA CYS A 17 -2.41 2.38 -1.44
C CYS A 17 -2.13 2.91 -2.83
N PRO A 18 -2.16 4.24 -3.02
CA PRO A 18 -1.90 4.87 -4.31
C PRO A 18 -0.41 5.06 -4.57
N THR A 19 0.19 4.11 -5.28
CA THR A 19 1.62 4.16 -5.58
C THR A 19 1.90 5.01 -6.82
N SER A 20 0.84 5.58 -7.39
CA SER A 20 0.98 6.41 -8.58
C SER A 20 -0.10 7.48 -8.63
N GLN A 21 -1.17 7.22 -9.39
CA GLN A 21 -2.27 8.18 -9.51
C GLN A 21 -3.47 7.52 -10.18
N THR A 22 -3.20 6.53 -11.02
CA THR A 22 -4.27 5.83 -11.73
C THR A 22 -4.29 4.35 -11.34
N THR A 23 -3.34 3.95 -10.51
CA THR A 23 -3.26 2.56 -10.06
C THR A 23 -3.49 2.46 -8.56
N TRP A 24 -3.77 1.25 -8.08
CA TRP A 24 -4.01 1.02 -6.67
C TRP A 24 -3.49 -0.34 -6.23
N GLY A 25 -2.57 -0.33 -5.26
CA GLY A 25 -2.01 -1.57 -4.76
C GLY A 25 -2.67 -2.05 -3.49
N CYS A 26 -2.80 -3.36 -3.36
CA CYS A 26 -3.44 -3.97 -2.19
C CYS A 26 -2.39 -4.50 -1.22
N CYS A 27 -2.55 -4.15 0.05
CA CYS A 27 -1.63 -4.60 1.10
C CYS A 27 -2.37 -5.35 2.20
N PRO A 28 -1.77 -6.43 2.72
CA PRO A 28 -2.38 -7.25 3.77
C PRO A 28 -2.11 -6.72 5.18
N SER A 29 -2.24 -5.41 5.34
CA SER A 29 -2.01 -4.78 6.64
C SER A 29 -2.89 -3.54 6.80
N PRO A 30 -3.23 -3.16 8.04
CA PRO A 30 -4.09 -1.99 8.33
C PRO A 30 -3.51 -0.70 7.75
N LYS A 31 -2.89 0.11 8.61
CA LYS A 31 -2.31 1.38 8.17
C LYS A 31 -1.44 1.19 6.94
N ALA A 32 -0.23 0.68 7.15
CA ALA A 32 0.72 0.43 6.07
C ALA A 32 1.18 1.73 5.41
N VAL A 33 2.46 1.79 5.07
CA VAL A 33 3.04 2.95 4.42
C VAL A 33 3.28 2.67 2.95
N CYS A 34 2.49 3.31 2.09
CA CYS A 34 2.61 3.11 0.65
C CYS A 34 3.92 3.67 0.11
N CYS A 35 4.91 2.80 -0.08
CA CYS A 35 6.20 3.22 -0.60
C CYS A 35 6.01 4.03 -1.87
N ASP A 36 6.24 5.34 -1.75
CA ASP A 36 6.07 6.27 -2.87
C ASP A 36 7.34 6.44 -3.68
N ASP A 37 8.49 6.06 -3.12
CA ASP A 37 9.77 6.19 -3.84
C ASP A 37 9.66 5.62 -5.24
N MET A 38 9.01 4.47 -5.34
CA MET A 38 8.81 3.80 -6.62
C MET A 38 7.36 3.37 -6.77
N GLN A 39 7.07 2.13 -6.40
CA GLN A 39 5.71 1.60 -6.44
C GLN A 39 5.57 0.45 -5.45
N HIS A 40 5.36 0.76 -4.17
CA HIS A 40 5.25 -0.31 -3.18
C HIS A 40 4.46 0.09 -1.95
N CYS A 41 4.43 -0.82 -0.97
CA CYS A 41 3.73 -0.62 0.28
C CYS A 41 4.44 -1.39 1.40
N CYS A 42 4.35 -0.87 2.62
CA CYS A 42 4.99 -1.52 3.76
C CYS A 42 3.98 -1.77 4.87
N PRO A 43 3.93 -3.01 5.42
CA PRO A 43 3.00 -3.37 6.48
C PRO A 43 2.99 -2.37 7.64
N ALA A 44 1.78 -2.03 8.10
CA ALA A 44 1.60 -1.09 9.19
C ALA A 44 2.59 -1.35 10.32
N GLY A 45 3.30 -0.31 10.72
CA GLY A 45 4.29 -0.45 11.77
C GLY A 45 5.70 -0.54 11.23
N TYR A 46 5.82 -0.61 9.91
CA TYR A 46 7.12 -0.70 9.27
C TYR A 46 7.32 0.48 8.31
N LYS A 47 8.57 0.68 7.88
CA LYS A 47 8.89 1.77 6.97
C LYS A 47 9.48 1.24 5.66
N CYS A 48 9.35 2.03 4.60
CA CYS A 48 9.87 1.65 3.29
C CYS A 48 11.35 2.01 3.17
N GLY A 49 12.07 1.25 2.35
CA GLY A 49 13.49 1.50 2.16
C GLY A 49 13.87 1.59 0.69
N PRO A 50 15.14 1.88 0.39
CA PRO A 50 15.61 1.99 -1.00
C PRO A 50 15.78 0.63 -1.66
N GLY A 51 15.97 -0.41 -0.84
CA GLY A 51 16.15 -1.75 -1.36
C GLY A 51 14.83 -2.47 -1.55
N GLY A 52 13.74 -1.73 -1.55
CA GLY A 52 12.43 -2.32 -1.72
C GLY A 52 12.06 -3.26 -0.60
N THR A 53 12.51 -2.95 0.61
CA THR A 53 12.23 -3.78 1.77
C THR A 53 11.72 -2.93 2.94
N CYS A 54 10.97 -3.55 3.83
CA CYS A 54 10.43 -2.86 5.00
C CYS A 54 11.32 -3.07 6.22
N ILE A 55 11.62 -1.98 6.92
CA ILE A 55 12.47 -2.04 8.10
C ILE A 55 11.73 -1.53 9.33
N SER A 56 12.19 -1.94 10.51
CA SER A 56 11.57 -1.53 11.77
C SER A 56 11.96 -0.09 12.11
N ASP A 1 -16.98 -4.56 -0.45
CA ASP A 1 -15.55 -4.35 -0.75
C ASP A 1 -15.02 -3.08 -0.08
N VAL A 2 -13.72 -2.85 -0.20
CA VAL A 2 -13.11 -1.67 0.40
C VAL A 2 -12.88 -0.57 -0.64
N GLN A 3 -13.54 0.57 -0.45
CA GLN A 3 -13.40 1.69 -1.37
C GLN A 3 -12.06 2.37 -1.18
N CYS A 4 -11.15 2.17 -2.14
CA CYS A 4 -9.82 2.76 -2.06
C CYS A 4 -9.86 4.25 -2.39
N GLY A 5 -10.71 4.63 -3.32
CA GLY A 5 -10.82 6.03 -3.70
C GLY A 5 -11.44 6.23 -5.06
N GLY A 6 -10.60 6.29 -6.10
CA GLY A 6 -11.09 6.48 -7.45
C GLY A 6 -12.17 5.50 -7.84
N GLY A 7 -11.80 4.23 -7.99
CA GLY A 7 -12.77 3.23 -8.37
C GLY A 7 -12.25 1.81 -8.17
N PHE A 8 -11.26 1.64 -7.31
CA PHE A 8 -10.69 0.32 -7.06
C PHE A 8 -11.30 -0.29 -5.80
N SER A 9 -10.80 -1.46 -5.43
CA SER A 9 -11.29 -2.16 -4.24
C SER A 9 -10.44 -3.40 -3.95
N CYS A 10 -10.46 -3.84 -2.70
CA CYS A 10 -9.68 -5.00 -2.29
C CYS A 10 -10.49 -5.89 -1.34
N HIS A 11 -9.84 -6.93 -0.84
CA HIS A 11 -10.49 -7.87 0.07
C HIS A 11 -10.47 -7.37 1.51
N ASP A 12 -11.25 -8.02 2.37
CA ASP A 12 -11.33 -7.65 3.77
C ASP A 12 -9.96 -7.72 4.43
N GLY A 13 -9.63 -6.69 5.21
CA GLY A 13 -8.34 -6.64 5.88
C GLY A 13 -7.25 -6.07 5.01
N GLU A 14 -7.58 -5.83 3.74
CA GLU A 14 -6.61 -5.27 2.79
C GLU A 14 -6.65 -3.74 2.81
N THR A 15 -5.68 -3.12 2.14
CA THR A 15 -5.60 -1.68 2.06
C THR A 15 -4.96 -1.28 0.74
N CYS A 16 -5.67 -0.50 -0.08
CA CYS A 16 -5.13 -0.09 -1.36
C CYS A 16 -4.26 1.15 -1.21
N CYS A 17 -3.45 1.41 -2.24
CA CYS A 17 -2.54 2.56 -2.24
C CYS A 17 -2.48 3.18 -3.63
N PRO A 18 -2.56 4.51 -3.71
CA PRO A 18 -2.53 5.22 -4.99
C PRO A 18 -1.10 5.46 -5.49
N THR A 19 -0.40 4.36 -5.79
CA THR A 19 0.97 4.45 -6.28
C THR A 19 1.01 5.03 -7.69
N SER A 20 -0.15 5.41 -8.21
CA SER A 20 -0.26 5.99 -9.53
C SER A 20 -1.43 6.97 -9.60
N GLN A 21 -1.95 7.19 -10.81
CA GLN A 21 -3.07 8.10 -10.99
C GLN A 21 -4.34 7.33 -11.33
N THR A 22 -4.17 6.14 -11.89
CA THR A 22 -5.31 5.30 -12.26
C THR A 22 -5.10 3.85 -11.79
N THR A 23 -4.04 3.64 -11.02
CA THR A 23 -3.73 2.31 -10.51
C THR A 23 -3.72 2.30 -8.98
N TRP A 24 -4.17 1.20 -8.39
CA TRP A 24 -4.22 1.06 -6.94
C TRP A 24 -3.58 -0.27 -6.51
N GLY A 25 -2.58 -0.19 -5.64
CA GLY A 25 -1.93 -1.39 -5.15
C GLY A 25 -2.55 -1.91 -3.88
N CYS A 26 -2.72 -3.22 -3.80
CA CYS A 26 -3.33 -3.84 -2.62
C CYS A 26 -2.29 -4.28 -1.60
N CYS A 27 -2.50 -3.89 -0.35
CA CYS A 27 -1.59 -4.24 0.75
C CYS A 27 -2.31 -5.09 1.79
N PRO A 28 -1.70 -6.21 2.22
CA PRO A 28 -2.26 -7.11 3.21
C PRO A 28 -1.91 -6.68 4.64
N SER A 29 -2.28 -5.45 4.99
CA SER A 29 -2.00 -4.92 6.32
C SER A 29 -3.12 -4.00 6.79
N PRO A 30 -3.20 -3.71 8.10
CA PRO A 30 -4.24 -2.84 8.65
C PRO A 30 -4.18 -1.42 8.08
N LYS A 31 -3.09 -0.71 8.39
CA LYS A 31 -2.90 0.65 7.90
C LYS A 31 -2.14 0.64 6.57
N ALA A 32 -0.99 -0.04 6.58
CA ALA A 32 -0.14 -0.17 5.40
C ALA A 32 0.47 1.17 4.99
N VAL A 33 1.78 1.16 4.77
CA VAL A 33 2.51 2.35 4.35
C VAL A 33 2.87 2.23 2.87
N CYS A 34 2.23 3.05 2.04
CA CYS A 34 2.48 3.01 0.60
C CYS A 34 3.84 3.58 0.23
N CYS A 35 4.81 2.70 -0.02
CA CYS A 35 6.14 3.14 -0.42
C CYS A 35 6.03 3.97 -1.69
N ASP A 36 6.39 5.25 -1.57
CA ASP A 36 6.28 6.19 -2.67
C ASP A 36 7.59 6.35 -3.44
N ASP A 37 8.70 5.85 -2.90
CA ASP A 37 9.99 5.96 -3.59
C ASP A 37 9.85 5.46 -5.02
N MET A 38 9.14 4.35 -5.18
CA MET A 38 8.90 3.75 -6.48
C MET A 38 7.43 3.38 -6.63
N GLN A 39 7.11 2.14 -6.29
CA GLN A 39 5.73 1.66 -6.32
C GLN A 39 5.57 0.49 -5.36
N HIS A 40 5.37 0.77 -4.07
CA HIS A 40 5.24 -0.33 -3.10
C HIS A 40 4.43 0.06 -1.87
N CYS A 41 4.39 -0.87 -0.92
CA CYS A 41 3.68 -0.71 0.34
C CYS A 41 4.25 -1.69 1.36
N CYS A 42 4.22 -1.33 2.64
CA CYS A 42 4.76 -2.20 3.68
C CYS A 42 3.79 -2.32 4.87
N PRO A 43 3.70 -3.51 5.48
CA PRO A 43 2.82 -3.76 6.62
C PRO A 43 2.86 -2.66 7.67
N ALA A 44 1.68 -2.15 8.01
CA ALA A 44 1.54 -1.09 9.00
C ALA A 44 2.48 -1.30 10.18
N GLY A 45 3.38 -0.35 10.38
CA GLY A 45 4.32 -0.45 11.48
C GLY A 45 5.75 -0.59 11.00
N TYR A 46 5.93 -0.79 9.69
CA TYR A 46 7.27 -0.93 9.13
C TYR A 46 7.68 0.33 8.37
N LYS A 47 8.94 0.38 7.96
CA LYS A 47 9.46 1.53 7.22
C LYS A 47 10.20 1.08 5.97
N CYS A 48 10.15 1.91 4.94
CA CYS A 48 10.82 1.61 3.67
C CYS A 48 12.27 2.06 3.72
N GLY A 49 13.19 1.09 3.79
CA GLY A 49 14.61 1.42 3.83
C GLY A 49 15.20 1.64 2.45
N PRO A 50 16.41 2.23 2.36
CA PRO A 50 17.07 2.49 1.08
C PRO A 50 17.37 1.20 0.32
N GLY A 51 17.28 1.26 -1.00
CA GLY A 51 17.55 0.09 -1.82
C GLY A 51 16.42 -0.92 -1.79
N GLY A 52 15.21 -0.44 -1.54
CA GLY A 52 14.07 -1.33 -1.48
C GLY A 52 14.19 -2.35 -0.37
N THR A 53 13.51 -2.09 0.75
CA THR A 53 13.55 -3.00 1.90
C THR A 53 12.52 -2.56 2.94
N CYS A 54 12.36 -3.34 3.98
CA CYS A 54 11.41 -3.02 5.04
C CYS A 54 11.97 -3.35 6.42
N ILE A 55 11.95 -2.36 7.32
CA ILE A 55 12.47 -2.54 8.66
C ILE A 55 11.53 -1.92 9.70
N SER A 56 12.01 -1.79 10.93
CA SER A 56 11.22 -1.20 12.00
C SER A 56 12.03 -0.16 12.77
N ASP A 1 -16.59 -6.10 1.14
CA ASP A 1 -15.58 -5.38 0.32
C ASP A 1 -15.42 -3.93 0.77
N VAL A 2 -14.18 -3.47 0.82
CA VAL A 2 -13.89 -2.10 1.24
C VAL A 2 -13.34 -1.27 0.08
N GLN A 3 -14.23 -0.86 -0.82
CA GLN A 3 -13.85 -0.06 -1.98
C GLN A 3 -12.80 0.98 -1.64
N CYS A 4 -11.89 1.24 -2.57
CA CYS A 4 -10.82 2.21 -2.36
C CYS A 4 -11.30 3.63 -2.63
N GLY A 5 -11.72 3.89 -3.86
CA GLY A 5 -12.18 5.22 -4.23
C GLY A 5 -12.95 5.21 -5.53
N GLY A 6 -12.36 5.81 -6.56
CA GLY A 6 -13.00 5.85 -7.86
C GLY A 6 -12.22 5.04 -8.88
N GLY A 7 -12.22 3.71 -8.69
CA GLY A 7 -11.52 2.86 -9.61
C GLY A 7 -11.33 1.43 -9.11
N PHE A 8 -10.59 1.27 -8.01
CA PHE A 8 -10.33 -0.05 -7.46
C PHE A 8 -11.00 -0.28 -6.11
N SER A 9 -10.70 -1.42 -5.51
CA SER A 9 -11.24 -1.80 -4.22
C SER A 9 -10.33 -2.85 -3.57
N CYS A 10 -10.45 -3.02 -2.26
CA CYS A 10 -9.65 -3.99 -1.55
C CYS A 10 -10.54 -4.94 -0.73
N HIS A 11 -10.01 -6.12 -0.44
CA HIS A 11 -10.74 -7.12 0.32
C HIS A 11 -10.61 -6.86 1.82
N ASP A 12 -11.36 -7.63 2.62
CA ASP A 12 -11.33 -7.47 4.06
C ASP A 12 -9.91 -7.66 4.62
N GLY A 13 -9.44 -6.66 5.35
CA GLY A 13 -8.11 -6.74 5.93
C GLY A 13 -7.04 -6.10 5.06
N GLU A 14 -7.37 -5.83 3.80
CA GLU A 14 -6.41 -5.22 2.88
C GLU A 14 -6.51 -3.70 2.89
N THR A 15 -5.55 -3.05 2.24
CA THR A 15 -5.51 -1.59 2.16
C THR A 15 -5.13 -1.16 0.75
N CYS A 16 -5.83 -0.17 0.22
CA CYS A 16 -5.54 0.32 -1.13
C CYS A 16 -4.51 1.44 -1.10
N CYS A 17 -3.47 1.29 -1.91
CA CYS A 17 -2.40 2.28 -1.99
C CYS A 17 -2.22 2.75 -3.44
N PRO A 18 -2.10 4.08 -3.64
CA PRO A 18 -1.92 4.65 -4.97
C PRO A 18 -0.46 4.67 -5.41
N THR A 19 -0.16 3.94 -6.47
CA THR A 19 1.20 3.86 -6.98
C THR A 19 1.50 4.97 -7.99
N SER A 20 0.46 5.71 -8.39
CA SER A 20 0.63 6.79 -9.34
C SER A 20 -0.42 7.89 -9.11
N GLN A 21 -1.54 7.79 -9.83
CA GLN A 21 -2.62 8.76 -9.71
C GLN A 21 -3.90 8.20 -10.33
N THR A 22 -3.74 7.18 -11.17
CA THR A 22 -4.87 6.55 -11.82
C THR A 22 -4.88 5.05 -11.56
N THR A 23 -3.89 4.58 -10.81
CA THR A 23 -3.78 3.17 -10.47
C THR A 23 -4.03 2.94 -8.99
N TRP A 24 -4.24 1.68 -8.61
CA TRP A 24 -4.48 1.34 -7.22
C TRP A 24 -4.03 -0.10 -6.92
N GLY A 25 -3.48 -0.30 -5.73
CA GLY A 25 -3.02 -1.63 -5.34
C GLY A 25 -3.60 -2.06 -4.00
N CYS A 26 -3.59 -3.36 -3.75
CA CYS A 26 -4.12 -3.89 -2.49
C CYS A 26 -3.01 -4.50 -1.64
N CYS A 27 -2.98 -4.15 -0.36
CA CYS A 27 -1.98 -4.66 0.57
C CYS A 27 -2.64 -5.42 1.71
N PRO A 28 -2.27 -6.70 1.91
CA PRO A 28 -2.85 -7.54 2.97
C PRO A 28 -2.35 -7.15 4.36
N SER A 29 -2.10 -5.86 4.58
CA SER A 29 -1.64 -5.38 5.87
C SER A 29 -2.67 -4.45 6.50
N PRO A 30 -2.67 -4.34 7.85
CA PRO A 30 -3.62 -3.47 8.57
C PRO A 30 -3.63 -2.04 8.00
N LYS A 31 -2.61 -1.27 8.35
CA LYS A 31 -2.49 0.10 7.87
C LYS A 31 -1.69 0.13 6.57
N ALA A 32 -0.46 -0.39 6.65
CA ALA A 32 0.43 -0.47 5.50
C ALA A 32 0.83 0.90 4.96
N VAL A 33 2.14 1.12 4.85
CA VAL A 33 2.67 2.37 4.33
C VAL A 33 2.95 2.23 2.84
N CYS A 34 2.25 3.00 2.03
CA CYS A 34 2.39 2.94 0.58
C CYS A 34 3.74 3.48 0.11
N CYS A 35 4.73 2.59 -0.02
CA CYS A 35 6.05 2.99 -0.50
C CYS A 35 5.92 3.77 -1.79
N ASP A 36 6.12 5.08 -1.70
CA ASP A 36 5.99 5.97 -2.85
C ASP A 36 7.32 6.23 -3.54
N ASP A 37 8.45 5.93 -2.89
CA ASP A 37 9.75 6.15 -3.50
C ASP A 37 9.80 5.51 -4.88
N MET A 38 9.27 4.30 -4.95
CA MET A 38 9.22 3.56 -6.21
C MET A 38 7.77 3.19 -6.52
N GLN A 39 7.41 1.94 -6.26
CA GLN A 39 6.05 1.47 -6.47
C GLN A 39 5.76 0.28 -5.55
N HIS A 40 5.44 0.53 -4.28
CA HIS A 40 5.19 -0.58 -3.36
C HIS A 40 4.46 -0.17 -2.10
N CYS A 41 4.33 -1.14 -1.19
CA CYS A 41 3.66 -0.95 0.09
C CYS A 41 4.38 -1.77 1.16
N CYS A 42 4.39 -1.26 2.39
CA CYS A 42 5.05 -1.94 3.50
C CYS A 42 4.06 -2.24 4.63
N PRO A 43 4.35 -3.29 5.44
CA PRO A 43 3.48 -3.69 6.55
C PRO A 43 3.36 -2.62 7.64
N ALA A 44 2.13 -2.35 8.05
CA ALA A 44 1.86 -1.36 9.09
C ALA A 44 2.84 -1.48 10.24
N GLY A 45 3.42 -0.35 10.65
CA GLY A 45 4.37 -0.36 11.74
C GLY A 45 5.81 -0.36 11.27
N TYR A 46 6.02 -0.56 9.97
CA TYR A 46 7.37 -0.58 9.41
C TYR A 46 7.59 0.59 8.47
N LYS A 47 8.85 0.84 8.13
CA LYS A 47 9.21 1.94 7.23
C LYS A 47 9.97 1.42 6.02
N CYS A 48 9.97 2.21 4.95
CA CYS A 48 10.66 1.84 3.72
C CYS A 48 12.13 2.23 3.77
N GLY A 49 12.98 1.43 3.13
CA GLY A 49 14.40 1.72 3.11
C GLY A 49 15.05 1.37 1.79
N PRO A 50 16.31 1.79 1.56
CA PRO A 50 17.03 1.51 0.32
C PRO A 50 17.21 0.02 0.07
N GLY A 51 17.25 -0.36 -1.21
CA GLY A 51 17.42 -1.76 -1.56
C GLY A 51 16.10 -2.43 -1.88
N GLY A 52 15.05 -2.05 -1.17
CA GLY A 52 13.75 -2.63 -1.39
C GLY A 52 13.31 -3.53 -0.25
N THR A 53 13.69 -3.15 0.96
CA THR A 53 13.34 -3.92 2.16
C THR A 53 12.73 -3.01 3.21
N CYS A 54 11.93 -3.61 4.11
CA CYS A 54 11.29 -2.84 5.17
C CYS A 54 12.09 -2.95 6.47
N ILE A 55 12.25 -1.81 7.15
CA ILE A 55 12.98 -1.76 8.40
C ILE A 55 12.13 -1.19 9.53
N SER A 56 12.57 -1.41 10.76
CA SER A 56 11.85 -0.92 11.93
C SER A 56 12.70 0.07 12.71
N ASP A 1 -16.78 -5.65 0.62
CA ASP A 1 -15.40 -5.41 0.15
C ASP A 1 -14.89 -4.05 0.61
N VAL A 2 -13.60 -3.79 0.37
CA VAL A 2 -13.01 -2.51 0.75
C VAL A 2 -12.96 -1.54 -0.42
N GLN A 3 -13.93 -0.63 -0.47
CA GLN A 3 -14.01 0.35 -1.55
C GLN A 3 -12.84 1.32 -1.49
N CYS A 4 -11.94 1.20 -2.48
CA CYS A 4 -10.77 2.08 -2.55
C CYS A 4 -11.15 3.42 -3.14
N GLY A 5 -12.19 3.41 -3.98
CA GLY A 5 -12.64 4.63 -4.62
C GLY A 5 -12.65 4.47 -6.13
N GLY A 6 -13.28 5.43 -6.82
CA GLY A 6 -13.35 5.37 -8.27
C GLY A 6 -12.02 4.98 -8.90
N GLY A 7 -11.81 3.67 -9.06
CA GLY A 7 -10.57 3.19 -9.64
C GLY A 7 -10.37 1.70 -9.42
N PHE A 8 -10.06 1.31 -8.18
CA PHE A 8 -9.81 -0.09 -7.87
C PHE A 8 -10.84 -0.67 -6.89
N SER A 9 -10.60 -1.92 -6.50
CA SER A 9 -11.44 -2.64 -5.55
C SER A 9 -10.74 -3.90 -5.10
N CYS A 10 -10.93 -4.29 -3.84
CA CYS A 10 -10.28 -5.49 -3.31
C CYS A 10 -11.18 -6.23 -2.33
N HIS A 11 -10.62 -7.27 -1.71
CA HIS A 11 -11.35 -8.10 -0.75
C HIS A 11 -11.27 -7.57 0.68
N ASP A 12 -12.28 -7.94 1.46
CA ASP A 12 -12.35 -7.53 2.86
C ASP A 12 -11.05 -7.84 3.58
N GLY A 13 -10.56 -6.89 4.36
CA GLY A 13 -9.32 -7.08 5.07
C GLY A 13 -8.13 -6.45 4.35
N GLU A 14 -8.40 -5.90 3.17
CA GLU A 14 -7.35 -5.26 2.37
C GLU A 14 -7.19 -3.79 2.74
N THR A 15 -6.14 -3.16 2.22
CA THR A 15 -5.87 -1.76 2.46
C THR A 15 -5.58 -1.03 1.15
N CYS A 16 -6.26 0.08 0.93
CA CYS A 16 -6.07 0.85 -0.30
C CYS A 16 -4.99 1.92 -0.13
N CYS A 17 -3.93 1.81 -0.92
CA CYS A 17 -2.83 2.76 -0.88
C CYS A 17 -2.58 3.34 -2.27
N PRO A 18 -2.75 4.67 -2.43
CA PRO A 18 -2.55 5.35 -3.72
C PRO A 18 -1.08 5.63 -4.01
N THR A 19 -0.35 4.59 -4.35
CA THR A 19 1.07 4.73 -4.66
C THR A 19 1.31 4.99 -6.14
N SER A 20 0.24 5.16 -6.89
CA SER A 20 0.35 5.40 -8.33
C SER A 20 -0.37 6.69 -8.73
N GLN A 21 -0.51 6.89 -10.04
CA GLN A 21 -1.17 8.08 -10.56
C GLN A 21 -2.68 7.86 -10.69
N THR A 22 -3.06 6.81 -11.40
CA THR A 22 -4.47 6.49 -11.61
C THR A 22 -4.79 5.05 -11.19
N THR A 23 -3.96 4.48 -10.33
CA THR A 23 -4.16 3.11 -9.87
C THR A 23 -4.25 3.07 -8.34
N TRP A 24 -4.47 1.87 -7.81
CA TRP A 24 -4.57 1.68 -6.36
C TRP A 24 -3.88 0.39 -5.94
N GLY A 25 -2.98 0.50 -4.96
CA GLY A 25 -2.26 -0.67 -4.48
C GLY A 25 -2.98 -1.37 -3.36
N CYS A 26 -3.13 -2.68 -3.51
CA CYS A 26 -3.81 -3.52 -2.52
C CYS A 26 -2.81 -4.11 -1.53
N CYS A 27 -2.88 -3.66 -0.29
CA CYS A 27 -1.99 -4.14 0.76
C CYS A 27 -2.77 -4.94 1.82
N PRO A 28 -2.25 -6.12 2.21
CA PRO A 28 -2.90 -6.97 3.21
C PRO A 28 -2.68 -6.48 4.63
N SER A 29 -1.57 -5.78 4.85
CA SER A 29 -1.23 -5.25 6.16
C SER A 29 -2.34 -4.36 6.70
N PRO A 30 -2.44 -4.21 8.04
CA PRO A 30 -3.48 -3.37 8.67
C PRO A 30 -3.54 -1.98 8.06
N LYS A 31 -2.60 -1.12 8.43
CA LYS A 31 -2.54 0.24 7.91
C LYS A 31 -1.70 0.27 6.64
N ALA A 32 -0.45 -0.15 6.76
CA ALA A 32 0.49 -0.19 5.64
C ALA A 32 0.72 1.19 5.05
N VAL A 33 1.97 1.63 5.09
CA VAL A 33 2.35 2.94 4.54
C VAL A 33 2.49 2.85 3.03
N CYS A 34 1.84 3.78 2.33
CA CYS A 34 1.88 3.80 0.88
C CYS A 34 3.26 4.24 0.36
N CYS A 35 4.21 3.31 0.33
CA CYS A 35 5.56 3.62 -0.16
C CYS A 35 5.46 4.30 -1.52
N ASP A 36 5.69 5.61 -1.52
CA ASP A 36 5.60 6.41 -2.74
C ASP A 36 6.95 6.60 -3.42
N ASP A 37 8.05 6.27 -2.73
CA ASP A 37 9.37 6.40 -3.31
C ASP A 37 9.41 5.71 -4.67
N MET A 38 8.78 4.54 -4.72
CA MET A 38 8.70 3.75 -5.94
C MET A 38 7.23 3.47 -6.26
N GLN A 39 6.78 2.26 -5.95
CA GLN A 39 5.39 1.90 -6.15
C GLN A 39 5.01 0.74 -5.23
N HIS A 40 4.72 1.03 -3.96
CA HIS A 40 4.38 -0.07 -3.04
C HIS A 40 3.89 0.42 -1.69
N CYS A 41 3.72 -0.53 -0.78
CA CYS A 41 3.26 -0.27 0.57
C CYS A 41 4.08 -1.09 1.56
N CYS A 42 4.42 -0.49 2.71
CA CYS A 42 5.19 -1.19 3.72
C CYS A 42 4.33 -1.52 4.94
N PRO A 43 4.62 -2.64 5.62
CA PRO A 43 3.86 -3.07 6.80
C PRO A 43 3.62 -1.94 7.80
N ALA A 44 2.39 -1.87 8.30
CA ALA A 44 2.01 -0.85 9.27
C ALA A 44 2.98 -0.78 10.43
N GLY A 45 3.93 0.16 10.36
CA GLY A 45 4.89 0.30 11.42
C GLY A 45 6.33 0.16 10.94
N TYR A 46 6.52 0.12 9.62
CA TYR A 46 7.84 0.00 9.05
C TYR A 46 8.02 0.95 7.87
N LYS A 47 9.26 1.21 7.49
CA LYS A 47 9.57 2.11 6.39
C LYS A 47 10.39 1.41 5.31
N CYS A 48 10.41 2.00 4.12
CA CYS A 48 11.16 1.43 3.00
C CYS A 48 12.62 1.86 3.04
N GLY A 49 13.50 1.03 2.48
CA GLY A 49 14.92 1.35 2.47
C GLY A 49 15.55 1.15 1.11
N PRO A 50 16.82 1.57 0.94
CA PRO A 50 17.54 1.44 -0.33
C PRO A 50 17.78 -0.02 -0.71
N GLY A 51 17.72 -0.90 0.29
CA GLY A 51 17.94 -2.32 0.03
C GLY A 51 16.70 -3.01 -0.50
N GLY A 52 15.76 -2.24 -1.01
CA GLY A 52 14.54 -2.80 -1.55
C GLY A 52 13.76 -3.60 -0.53
N THR A 53 14.06 -3.38 0.76
CA THR A 53 13.38 -4.08 1.83
C THR A 53 12.79 -3.10 2.84
N CYS A 54 11.94 -3.62 3.73
CA CYS A 54 11.30 -2.80 4.74
C CYS A 54 11.97 -2.99 6.10
N ILE A 55 12.41 -1.88 6.70
CA ILE A 55 13.07 -1.93 8.00
C ILE A 55 12.24 -1.22 9.07
N SER A 56 12.64 -1.37 10.33
CA SER A 56 11.93 -0.74 11.43
C SER A 56 12.16 0.76 11.44
N ASP A 1 -15.47 -5.97 0.53
CA ASP A 1 -14.24 -5.28 0.05
C ASP A 1 -13.85 -4.14 0.99
N VAL A 2 -12.77 -3.44 0.65
CA VAL A 2 -12.27 -2.33 1.45
C VAL A 2 -12.08 -1.08 0.60
N GLN A 3 -12.86 -0.04 0.91
CA GLN A 3 -12.80 1.22 0.17
C GLN A 3 -11.37 1.59 -0.22
N CYS A 4 -11.07 1.44 -1.51
CA CYS A 4 -9.74 1.75 -2.03
C CYS A 4 -9.71 3.14 -2.64
N GLY A 5 -10.01 4.12 -1.80
CA GLY A 5 -10.02 5.51 -2.22
C GLY A 5 -10.74 5.74 -3.54
N GLY A 6 -10.02 5.52 -4.64
CA GLY A 6 -10.60 5.70 -5.95
C GLY A 6 -11.69 4.68 -6.24
N GLY A 7 -11.93 4.42 -7.52
CA GLY A 7 -12.96 3.46 -7.88
C GLY A 7 -12.47 2.03 -7.85
N PHE A 8 -11.50 1.74 -6.99
CA PHE A 8 -10.96 0.39 -6.88
C PHE A 8 -11.51 -0.32 -5.65
N SER A 9 -10.98 -1.53 -5.41
CA SER A 9 -11.41 -2.33 -4.27
C SER A 9 -10.49 -3.55 -4.11
N CYS A 10 -10.48 -4.12 -2.90
CA CYS A 10 -9.64 -5.28 -2.61
C CYS A 10 -10.37 -6.24 -1.67
N HIS A 11 -9.67 -7.25 -1.19
CA HIS A 11 -10.26 -8.24 -0.30
C HIS A 11 -10.28 -7.75 1.15
N ASP A 12 -11.02 -8.46 1.99
CA ASP A 12 -11.14 -8.11 3.40
C ASP A 12 -9.78 -8.06 4.09
N GLY A 13 -9.53 -6.99 4.83
CA GLY A 13 -8.27 -6.84 5.53
C GLY A 13 -7.21 -6.18 4.69
N GLU A 14 -7.49 -6.02 3.40
CA GLU A 14 -6.53 -5.39 2.48
C GLU A 14 -6.74 -3.88 2.42
N THR A 15 -5.80 -3.19 1.81
CA THR A 15 -5.85 -1.73 1.66
C THR A 15 -5.15 -1.32 0.38
N CYS A 16 -5.83 -0.57 -0.49
CA CYS A 16 -5.20 -0.15 -1.74
C CYS A 16 -4.37 1.11 -1.54
N CYS A 17 -3.52 1.39 -2.52
CA CYS A 17 -2.64 2.55 -2.48
C CYS A 17 -2.61 3.25 -3.83
N PRO A 18 -2.61 4.59 -3.82
CA PRO A 18 -2.58 5.39 -5.04
C PRO A 18 -1.15 5.67 -5.52
N THR A 19 -0.38 4.60 -5.72
CA THR A 19 1.00 4.74 -6.16
C THR A 19 1.09 5.21 -7.62
N SER A 20 -0.07 5.43 -8.23
CA SER A 20 -0.12 5.90 -9.61
C SER A 20 -1.06 7.09 -9.74
N GLN A 21 -1.50 7.36 -10.96
CA GLN A 21 -2.39 8.48 -11.22
C GLN A 21 -3.84 8.00 -11.32
N THR A 22 -4.04 6.85 -11.96
CA THR A 22 -5.38 6.28 -12.12
C THR A 22 -5.39 4.80 -11.78
N THR A 23 -4.48 4.38 -10.91
CA THR A 23 -4.40 2.97 -10.51
C THR A 23 -4.35 2.85 -8.99
N TRP A 24 -4.53 1.62 -8.50
CA TRP A 24 -4.51 1.36 -7.07
C TRP A 24 -3.89 -0.02 -6.78
N GLY A 25 -2.84 -0.05 -5.96
CA GLY A 25 -2.19 -1.30 -5.62
C GLY A 25 -2.76 -1.90 -4.35
N CYS A 26 -2.81 -3.23 -4.28
CA CYS A 26 -3.35 -3.92 -3.11
C CYS A 26 -2.27 -4.17 -2.05
N CYS A 27 -2.54 -3.69 -0.84
CA CYS A 27 -1.62 -3.86 0.28
C CYS A 27 -2.19 -4.87 1.28
N PRO A 28 -1.36 -5.86 1.69
CA PRO A 28 -1.79 -6.88 2.65
C PRO A 28 -1.77 -6.41 4.09
N SER A 29 -2.17 -5.15 4.29
CA SER A 29 -2.20 -4.58 5.64
C SER A 29 -3.19 -3.40 5.70
N PRO A 30 -3.75 -3.12 6.89
CA PRO A 30 -4.70 -2.02 7.07
C PRO A 30 -4.07 -0.65 6.80
N LYS A 31 -3.50 -0.04 7.84
CA LYS A 31 -2.87 1.26 7.70
C LYS A 31 -1.45 1.14 7.16
N ALA A 32 -1.30 0.37 6.09
CA ALA A 32 0.00 0.16 5.47
C ALA A 32 0.59 1.46 4.95
N VAL A 33 1.87 1.42 4.61
CA VAL A 33 2.58 2.58 4.09
C VAL A 33 3.09 2.29 2.69
N CYS A 34 2.41 2.81 1.68
CA CYS A 34 2.80 2.58 0.29
C CYS A 34 4.15 3.21 -0.03
N CYS A 35 5.17 2.37 -0.24
CA CYS A 35 6.50 2.85 -0.59
C CYS A 35 6.40 3.70 -1.85
N ASP A 36 6.69 4.99 -1.70
CA ASP A 36 6.61 5.94 -2.80
C ASP A 36 7.95 6.18 -3.49
N ASP A 37 9.05 5.74 -2.90
CA ASP A 37 10.36 5.93 -3.51
C ASP A 37 10.35 5.38 -4.94
N MET A 38 9.74 4.21 -5.09
CA MET A 38 9.63 3.56 -6.38
C MET A 38 8.19 3.09 -6.60
N GLN A 39 7.91 1.83 -6.26
CA GLN A 39 6.57 1.28 -6.36
C GLN A 39 6.41 0.12 -5.39
N HIS A 40 6.12 0.39 -4.12
CA HIS A 40 5.98 -0.69 -3.14
C HIS A 40 5.02 -0.37 -2.01
N CYS A 41 4.97 -1.29 -1.04
CA CYS A 41 4.09 -1.15 0.12
C CYS A 41 4.77 -1.69 1.38
N CYS A 42 4.43 -1.12 2.52
CA CYS A 42 5.00 -1.54 3.79
C CYS A 42 3.91 -1.88 4.80
N PRO A 43 4.03 -3.02 5.50
CA PRO A 43 3.03 -3.45 6.49
C PRO A 43 2.77 -2.39 7.56
N ALA A 44 1.51 -2.22 7.91
CA ALA A 44 1.10 -1.24 8.92
C ALA A 44 2.00 -1.31 10.15
N GLY A 45 2.87 -0.32 10.30
CA GLY A 45 3.78 -0.28 11.43
C GLY A 45 5.23 -0.37 10.99
N TYR A 46 5.45 -0.37 9.68
CA TYR A 46 6.79 -0.46 9.12
C TYR A 46 7.14 0.82 8.36
N LYS A 47 8.42 0.96 8.02
CA LYS A 47 8.88 2.13 7.28
C LYS A 47 9.66 1.72 6.04
N CYS A 48 9.75 2.64 5.08
CA CYS A 48 10.46 2.38 3.83
C CYS A 48 11.96 2.65 3.99
N GLY A 49 12.78 1.85 3.32
CA GLY A 49 14.21 2.01 3.41
C GLY A 49 14.92 1.58 2.13
N PRO A 50 16.25 1.72 2.07
CA PRO A 50 17.04 1.34 0.89
C PRO A 50 17.00 -0.16 0.63
N GLY A 51 17.01 -0.54 -0.64
CA GLY A 51 16.99 -1.95 -1.00
C GLY A 51 15.60 -2.45 -1.31
N GLY A 52 14.67 -1.52 -1.51
CA GLY A 52 13.29 -1.88 -1.82
C GLY A 52 12.69 -2.83 -0.80
N THR A 53 12.99 -2.59 0.47
CA THR A 53 12.48 -3.43 1.55
C THR A 53 11.94 -2.59 2.70
N CYS A 54 11.07 -3.20 3.51
CA CYS A 54 10.47 -2.53 4.65
C CYS A 54 11.15 -2.95 5.94
N ILE A 55 11.39 -1.99 6.83
CA ILE A 55 12.04 -2.26 8.11
C ILE A 55 11.21 -1.77 9.28
N SER A 56 11.65 -2.08 10.50
CA SER A 56 10.95 -1.68 11.71
C SER A 56 9.54 -2.24 11.73
N ASP A 1 -17.04 -5.12 -1.73
CA ASP A 1 -15.64 -4.91 -1.29
C ASP A 1 -15.47 -3.53 -0.64
N VAL A 2 -14.22 -3.14 -0.43
CA VAL A 2 -13.93 -1.85 0.19
C VAL A 2 -13.70 -0.77 -0.87
N GLN A 3 -14.32 0.38 -0.67
CA GLN A 3 -14.18 1.49 -1.61
C GLN A 3 -12.76 2.04 -1.59
N CYS A 4 -11.96 1.64 -2.57
CA CYS A 4 -10.58 2.08 -2.67
C CYS A 4 -10.48 3.59 -2.85
N GLY A 5 -11.38 4.14 -3.68
CA GLY A 5 -11.36 5.57 -3.93
C GLY A 5 -10.54 5.92 -5.15
N GLY A 6 -10.99 5.44 -6.30
CA GLY A 6 -10.29 5.70 -7.55
C GLY A 6 -10.71 4.75 -8.65
N GLY A 7 -11.61 3.83 -8.32
CA GLY A 7 -12.10 2.88 -9.30
C GLY A 7 -11.77 1.45 -8.95
N PHE A 8 -10.98 1.23 -7.90
CA PHE A 8 -10.60 -0.12 -7.49
C PHE A 8 -11.29 -0.54 -6.20
N SER A 9 -10.98 -1.75 -5.74
CA SER A 9 -11.55 -2.29 -4.53
C SER A 9 -10.67 -3.42 -3.99
N CYS A 10 -10.73 -3.65 -2.68
CA CYS A 10 -9.91 -4.69 -2.05
C CYS A 10 -10.72 -5.49 -1.02
N HIS A 11 -10.02 -6.40 -0.35
CA HIS A 11 -10.64 -7.26 0.65
C HIS A 11 -10.79 -6.53 1.98
N ASP A 12 -11.82 -6.92 2.73
CA ASP A 12 -12.13 -6.30 4.02
C ASP A 12 -11.07 -6.55 5.08
N GLY A 13 -9.84 -6.79 4.64
CA GLY A 13 -8.76 -7.00 5.57
C GLY A 13 -7.46 -6.48 4.98
N GLU A 14 -7.61 -5.55 4.03
CA GLU A 14 -6.47 -4.94 3.35
C GLU A 14 -6.64 -3.41 3.26
N THR A 15 -5.75 -2.78 2.51
CA THR A 15 -5.78 -1.33 2.32
C THR A 15 -5.45 -0.97 0.88
N CYS A 16 -6.12 0.06 0.36
CA CYS A 16 -5.90 0.51 -1.00
C CYS A 16 -4.75 1.51 -1.08
N CYS A 17 -3.81 1.26 -1.98
CA CYS A 17 -2.65 2.14 -2.13
C CYS A 17 -2.60 2.76 -3.53
N PRO A 18 -2.47 4.10 -3.61
CA PRO A 18 -2.41 4.81 -4.88
C PRO A 18 -0.98 4.90 -5.41
N THR A 19 -0.69 4.15 -6.48
CA THR A 19 0.63 4.14 -7.08
C THR A 19 0.77 5.18 -8.18
N SER A 20 -0.33 5.82 -8.54
CA SER A 20 -0.30 6.84 -9.60
C SER A 20 -1.41 7.88 -9.38
N GLN A 21 -2.57 7.63 -10.00
CA GLN A 21 -3.71 8.53 -9.89
C GLN A 21 -4.96 7.86 -10.46
N THR A 22 -4.74 6.82 -11.26
CA THR A 22 -5.82 6.08 -11.88
C THR A 22 -5.68 4.59 -11.60
N THR A 23 -4.58 4.23 -10.94
CA THR A 23 -4.31 2.84 -10.58
C THR A 23 -4.33 2.65 -9.07
N TRP A 24 -4.71 1.46 -8.63
CA TRP A 24 -4.77 1.17 -7.21
C TRP A 24 -4.31 -0.26 -6.91
N GLY A 25 -3.35 -0.38 -6.00
CA GLY A 25 -2.83 -1.68 -5.64
C GLY A 25 -3.32 -2.14 -4.27
N CYS A 26 -3.40 -3.45 -4.07
CA CYS A 26 -3.87 -4.00 -2.81
C CYS A 26 -2.72 -4.22 -1.82
N CYS A 27 -2.85 -3.63 -0.64
CA CYS A 27 -1.83 -3.76 0.40
C CYS A 27 -2.32 -4.65 1.54
N PRO A 28 -1.59 -5.74 1.83
CA PRO A 28 -1.95 -6.68 2.90
C PRO A 28 -1.61 -6.15 4.29
N SER A 29 -2.02 -4.93 4.58
CA SER A 29 -1.76 -4.32 5.88
C SER A 29 -2.62 -3.06 6.07
N PRO A 30 -3.16 -2.85 7.28
CA PRO A 30 -4.01 -1.69 7.57
C PRO A 30 -3.24 -0.37 7.43
N LYS A 31 -2.54 0.03 8.49
CA LYS A 31 -1.77 1.28 8.47
C LYS A 31 -0.39 1.04 7.86
N ALA A 32 -0.38 0.53 6.64
CA ALA A 32 0.87 0.25 5.93
C ALA A 32 1.49 1.52 5.37
N VAL A 33 2.75 1.44 4.97
CA VAL A 33 3.46 2.57 4.40
C VAL A 33 3.66 2.37 2.90
N CYS A 34 2.93 3.14 2.11
CA CYS A 34 3.01 3.04 0.66
C CYS A 34 4.38 3.49 0.13
N CYS A 35 5.27 2.53 -0.09
CA CYS A 35 6.60 2.85 -0.62
C CYS A 35 6.45 3.67 -1.89
N ASP A 36 6.81 4.95 -1.79
CA ASP A 36 6.68 5.89 -2.90
C ASP A 36 7.97 6.05 -3.70
N ASP A 37 9.11 5.63 -3.15
CA ASP A 37 10.38 5.76 -3.88
C ASP A 37 10.24 5.12 -5.24
N MET A 38 9.59 3.96 -5.26
CA MET A 38 9.35 3.22 -6.49
C MET A 38 7.86 2.90 -6.60
N GLN A 39 7.49 1.67 -6.28
CA GLN A 39 6.10 1.25 -6.30
C GLN A 39 5.90 0.08 -5.34
N HIS A 40 5.71 0.36 -4.05
CA HIS A 40 5.53 -0.74 -3.10
C HIS A 40 4.73 -0.36 -1.86
N CYS A 41 4.64 -1.33 -0.94
CA CYS A 41 3.92 -1.17 0.31
C CYS A 41 4.70 -1.81 1.45
N CYS A 42 4.61 -1.22 2.64
CA CYS A 42 5.33 -1.75 3.81
C CYS A 42 4.35 -2.08 4.93
N PRO A 43 4.41 -3.30 5.48
CA PRO A 43 3.52 -3.74 6.56
C PRO A 43 3.48 -2.74 7.72
N ALA A 44 2.28 -2.48 8.22
CA ALA A 44 2.08 -1.55 9.32
C ALA A 44 3.08 -1.80 10.44
N GLY A 45 4.04 -0.89 10.58
CA GLY A 45 5.05 -1.03 11.61
C GLY A 45 6.47 -1.02 11.06
N TYR A 46 6.59 -1.01 9.74
CA TYR A 46 7.90 -0.99 9.10
C TYR A 46 8.02 0.19 8.15
N LYS A 47 9.25 0.51 7.74
CA LYS A 47 9.49 1.62 6.83
C LYS A 47 10.41 1.21 5.68
N CYS A 48 10.39 2.00 4.61
CA CYS A 48 11.22 1.72 3.44
C CYS A 48 12.62 2.29 3.62
N GLY A 49 13.63 1.43 3.58
CA GLY A 49 15.00 1.87 3.76
C GLY A 49 15.62 2.34 2.46
N PRO A 50 16.89 2.82 2.49
CA PRO A 50 17.58 3.29 1.29
C PRO A 50 17.75 2.20 0.25
N GLY A 51 17.73 0.95 0.70
CA GLY A 51 17.89 -0.17 -0.21
C GLY A 51 16.57 -0.85 -0.52
N GLY A 52 15.48 -0.08 -0.47
CA GLY A 52 14.16 -0.63 -0.75
C GLY A 52 13.89 -1.90 0.03
N THR A 53 13.30 -1.76 1.21
CA THR A 53 12.97 -2.89 2.06
C THR A 53 12.17 -2.42 3.28
N CYS A 54 11.34 -3.30 3.82
CA CYS A 54 10.53 -2.96 5.00
C CYS A 54 11.25 -3.34 6.29
N ILE A 55 11.97 -2.39 6.87
CA ILE A 55 12.71 -2.63 8.10
C ILE A 55 12.01 -1.98 9.29
N SER A 56 12.56 -2.17 10.48
CA SER A 56 12.00 -1.62 11.69
C SER A 56 13.01 -0.74 12.42
N ASP A 1 -17.20 -4.80 -0.04
CA ASP A 1 -15.72 -4.69 -0.14
C ASP A 1 -15.23 -3.35 0.39
N VAL A 2 -13.98 -3.03 0.09
CA VAL A 2 -13.38 -1.78 0.53
C VAL A 2 -13.04 -0.89 -0.65
N GLN A 3 -13.62 0.32 -0.66
CA GLN A 3 -13.38 1.27 -1.75
C GLN A 3 -12.04 1.97 -1.56
N CYS A 4 -11.08 1.61 -2.41
CA CYS A 4 -9.73 2.19 -2.35
C CYS A 4 -9.77 3.70 -2.18
N GLY A 5 -10.85 4.32 -2.63
CA GLY A 5 -10.98 5.75 -2.53
C GLY A 5 -11.55 6.36 -3.80
N GLY A 6 -10.74 6.39 -4.85
CA GLY A 6 -11.18 6.94 -6.11
C GLY A 6 -12.32 6.14 -6.72
N GLY A 7 -12.01 4.90 -7.12
CA GLY A 7 -13.03 4.06 -7.71
C GLY A 7 -12.68 2.58 -7.70
N PHE A 8 -11.57 2.20 -7.07
CA PHE A 8 -11.17 0.79 -7.03
C PHE A 8 -11.75 0.09 -5.82
N SER A 9 -11.42 -1.18 -5.67
CA SER A 9 -11.89 -1.99 -4.54
C SER A 9 -10.93 -3.14 -4.27
N CYS A 10 -10.87 -3.59 -3.02
CA CYS A 10 -9.98 -4.67 -2.64
C CYS A 10 -10.61 -5.58 -1.58
N HIS A 11 -9.81 -6.52 -1.07
CA HIS A 11 -10.28 -7.47 -0.06
C HIS A 11 -10.13 -6.96 1.37
N ASP A 12 -11.04 -7.43 2.23
CA ASP A 12 -11.02 -7.06 3.64
C ASP A 12 -9.66 -7.40 4.25
N GLY A 13 -9.16 -6.49 5.09
CA GLY A 13 -7.87 -6.71 5.73
C GLY A 13 -6.72 -6.17 4.91
N GLU A 14 -7.03 -5.69 3.70
CA GLU A 14 -6.00 -5.14 2.83
C GLU A 14 -6.03 -3.61 2.83
N THR A 15 -5.01 -3.00 2.25
CA THR A 15 -4.92 -1.54 2.17
C THR A 15 -4.71 -1.09 0.73
N CYS A 16 -5.48 -0.10 0.30
CA CYS A 16 -5.37 0.44 -1.05
C CYS A 16 -4.38 1.60 -1.08
N CYS A 17 -3.42 1.52 -2.01
CA CYS A 17 -2.42 2.57 -2.13
C CYS A 17 -2.41 3.18 -3.53
N PRO A 18 -2.35 4.53 -3.61
CA PRO A 18 -2.33 5.25 -4.89
C PRO A 18 -0.90 5.37 -5.42
N THR A 19 -0.55 4.50 -6.37
CA THR A 19 0.78 4.50 -6.96
C THR A 19 0.87 5.39 -8.19
N SER A 20 -0.26 5.96 -8.60
CA SER A 20 -0.29 6.84 -9.78
C SER A 20 -1.39 7.88 -9.66
N GLN A 21 -2.50 7.65 -10.35
CA GLN A 21 -3.63 8.58 -10.32
C GLN A 21 -4.95 7.81 -10.36
N THR A 22 -5.25 7.22 -11.51
CA THR A 22 -6.49 6.46 -11.68
C THR A 22 -6.24 4.98 -11.45
N THR A 23 -5.08 4.65 -10.91
CA THR A 23 -4.72 3.26 -10.65
C THR A 23 -4.50 3.05 -9.15
N TRP A 24 -5.24 2.10 -8.58
CA TRP A 24 -5.13 1.80 -7.16
C TRP A 24 -4.54 0.40 -6.93
N GLY A 25 -3.41 0.36 -6.24
CA GLY A 25 -2.75 -0.91 -5.96
C GLY A 25 -3.28 -1.58 -4.70
N CYS A 26 -3.29 -2.90 -4.72
CA CYS A 26 -3.77 -3.69 -3.58
C CYS A 26 -2.60 -4.19 -2.72
N CYS A 27 -2.55 -3.71 -1.49
CA CYS A 27 -1.48 -4.10 -0.56
C CYS A 27 -2.02 -5.04 0.52
N PRO A 28 -1.41 -6.24 0.67
CA PRO A 28 -1.84 -7.22 1.68
C PRO A 28 -1.35 -6.87 3.08
N SER A 29 -2.13 -6.05 3.79
CA SER A 29 -1.78 -5.65 5.15
C SER A 29 -2.87 -4.77 5.76
N PRO A 30 -3.00 -4.76 7.11
CA PRO A 30 -4.00 -3.95 7.80
C PRO A 30 -3.85 -2.46 7.53
N LYS A 31 -2.81 -1.86 8.12
CA LYS A 31 -2.50 -0.45 7.88
C LYS A 31 -1.46 -0.35 6.77
N ALA A 32 -0.20 -0.58 7.16
CA ALA A 32 0.93 -0.57 6.23
C ALA A 32 1.11 0.75 5.49
N VAL A 33 2.38 1.09 5.28
CA VAL A 33 2.75 2.30 4.55
C VAL A 33 3.20 1.90 3.14
N CYS A 34 2.47 2.37 2.14
CA CYS A 34 2.79 2.02 0.75
C CYS A 34 4.11 2.62 0.30
N CYS A 35 5.16 1.79 0.26
CA CYS A 35 6.48 2.23 -0.20
C CYS A 35 6.35 2.89 -1.57
N ASP A 36 6.63 4.19 -1.61
CA ASP A 36 6.51 4.98 -2.84
C ASP A 36 7.76 4.91 -3.71
N ASP A 37 8.91 4.56 -3.12
CA ASP A 37 10.17 4.48 -3.88
C ASP A 37 9.93 3.84 -5.24
N MET A 38 9.20 2.74 -5.24
CA MET A 38 8.88 2.01 -6.46
C MET A 38 7.40 1.67 -6.49
N GLN A 39 7.05 0.50 -5.99
CA GLN A 39 5.67 0.07 -5.88
C GLN A 39 5.56 -1.00 -4.81
N HIS A 40 5.50 -0.60 -3.54
CA HIS A 40 5.44 -1.59 -2.46
C HIS A 40 4.69 -1.09 -1.24
N CYS A 41 4.71 -1.90 -0.19
CA CYS A 41 4.06 -1.59 1.07
C CYS A 41 4.84 -2.20 2.23
N CYS A 42 4.83 -1.53 3.37
CA CYS A 42 5.54 -2.01 4.54
C CYS A 42 4.60 -2.19 5.74
N PRO A 43 4.74 -3.30 6.48
CA PRO A 43 3.89 -3.59 7.64
C PRO A 43 3.80 -2.42 8.60
N ALA A 44 2.57 -2.10 9.01
CA ALA A 44 2.32 -1.01 9.95
C ALA A 44 3.32 -1.03 11.09
N GLY A 45 3.93 0.11 11.36
CA GLY A 45 4.90 0.19 12.43
C GLY A 45 6.32 0.15 11.91
N TYR A 46 6.48 -0.11 10.62
CA TYR A 46 7.80 -0.18 10.01
C TYR A 46 8.01 0.99 9.05
N LYS A 47 9.27 1.23 8.69
CA LYS A 47 9.63 2.32 7.79
C LYS A 47 10.33 1.76 6.55
N CYS A 48 10.26 2.49 5.45
CA CYS A 48 10.91 2.07 4.21
C CYS A 48 12.35 2.56 4.16
N GLY A 49 13.27 1.69 3.77
CA GLY A 49 14.66 2.06 3.69
C GLY A 49 15.19 2.14 2.28
N PRO A 50 16.50 2.40 2.09
CA PRO A 50 17.12 2.50 0.77
C PRO A 50 16.91 1.24 -0.06
N GLY A 51 16.35 1.41 -1.25
CA GLY A 51 16.11 0.28 -2.13
C GLY A 51 14.82 -0.45 -1.79
N GLY A 52 14.02 0.16 -0.94
CA GLY A 52 12.75 -0.44 -0.54
C GLY A 52 12.92 -1.62 0.40
N THR A 53 12.70 -1.37 1.68
CA THR A 53 12.82 -2.41 2.70
C THR A 53 12.15 -1.98 4.00
N CYS A 54 11.49 -2.91 4.67
CA CYS A 54 10.79 -2.61 5.91
C CYS A 54 11.67 -2.85 7.13
N ILE A 55 12.17 -1.75 7.71
CA ILE A 55 13.02 -1.83 8.88
C ILE A 55 12.32 -1.23 10.11
N SER A 56 12.77 -1.65 11.30
CA SER A 56 12.18 -1.16 12.54
C SER A 56 12.85 0.14 13.00
N ASP A 1 -17.39 -6.13 -0.82
CA ASP A 1 -16.09 -5.57 -1.30
C ASP A 1 -15.86 -4.17 -0.75
N VAL A 2 -14.63 -3.68 -0.90
CA VAL A 2 -14.27 -2.35 -0.42
C VAL A 2 -13.75 -1.47 -1.54
N GLN A 3 -14.25 -0.25 -1.62
CA GLN A 3 -13.83 0.68 -2.66
C GLN A 3 -12.66 1.54 -2.16
N CYS A 4 -11.56 1.51 -2.90
CA CYS A 4 -10.38 2.28 -2.52
C CYS A 4 -10.70 3.77 -2.44
N GLY A 5 -10.85 4.41 -3.60
CA GLY A 5 -11.16 5.83 -3.63
C GLY A 5 -11.64 6.29 -5.00
N GLY A 6 -12.78 5.75 -5.42
CA GLY A 6 -13.34 6.12 -6.71
C GLY A 6 -12.48 5.61 -7.86
N GLY A 7 -12.32 4.29 -7.93
CA GLY A 7 -11.52 3.70 -8.98
C GLY A 7 -11.35 2.20 -8.81
N PHE A 8 -10.37 1.82 -7.99
CA PHE A 8 -10.10 0.40 -7.75
C PHE A 8 -10.90 -0.14 -6.57
N SER A 9 -10.80 -1.44 -6.35
CA SER A 9 -11.48 -2.10 -5.25
C SER A 9 -10.62 -3.23 -4.70
N CYS A 10 -10.86 -3.61 -3.45
CA CYS A 10 -10.08 -4.67 -2.83
C CYS A 10 -10.91 -5.52 -1.88
N HIS A 11 -10.25 -6.51 -1.29
CA HIS A 11 -10.90 -7.42 -0.36
C HIS A 11 -11.03 -6.81 1.02
N ASP A 12 -12.09 -7.20 1.73
CA ASP A 12 -12.36 -6.68 3.07
C ASP A 12 -11.38 -7.24 4.09
N GLY A 13 -10.11 -7.30 3.72
CA GLY A 13 -9.07 -7.77 4.59
C GLY A 13 -7.75 -7.22 4.10
N GLU A 14 -7.86 -6.19 3.26
CA GLU A 14 -6.71 -5.52 2.67
C GLU A 14 -6.85 -4.00 2.81
N THR A 15 -5.89 -3.26 2.25
CA THR A 15 -5.92 -1.80 2.28
C THR A 15 -5.47 -1.23 0.95
N CYS A 16 -6.17 -0.22 0.46
CA CYS A 16 -5.83 0.41 -0.81
C CYS A 16 -4.87 1.58 -0.62
N CYS A 17 -3.76 1.56 -1.36
CA CYS A 17 -2.77 2.62 -1.27
C CYS A 17 -2.56 3.29 -2.62
N PRO A 18 -2.45 4.63 -2.64
CA PRO A 18 -2.27 5.40 -3.87
C PRO A 18 -0.82 5.45 -4.33
N THR A 19 -0.52 4.70 -5.40
CA THR A 19 0.82 4.64 -5.95
C THR A 19 1.10 5.81 -6.89
N SER A 20 0.04 6.51 -7.30
CA SER A 20 0.18 7.64 -8.20
C SER A 20 -0.94 8.67 -7.97
N GLN A 21 -1.99 8.56 -8.77
CA GLN A 21 -3.13 9.47 -8.66
C GLN A 21 -4.38 8.85 -9.26
N THR A 22 -4.17 7.86 -10.12
CA THR A 22 -5.27 7.15 -10.77
C THR A 22 -5.15 5.65 -10.58
N THR A 23 -4.05 5.25 -9.93
CA THR A 23 -3.79 3.84 -9.66
C THR A 23 -4.02 3.53 -8.19
N TRP A 24 -4.27 2.26 -7.87
CA TRP A 24 -4.51 1.87 -6.49
C TRP A 24 -4.01 0.45 -6.22
N GLY A 25 -2.97 0.35 -5.40
CA GLY A 25 -2.40 -0.95 -5.07
C GLY A 25 -3.11 -1.61 -3.90
N CYS A 26 -3.15 -2.94 -3.91
CA CYS A 26 -3.80 -3.70 -2.85
C CYS A 26 -2.77 -4.23 -1.85
N CYS A 27 -3.02 -3.98 -0.56
CA CYS A 27 -2.11 -4.42 0.49
C CYS A 27 -2.80 -5.36 1.48
N PRO A 28 -2.22 -6.55 1.73
CA PRO A 28 -2.79 -7.52 2.66
C PRO A 28 -2.48 -7.17 4.11
N SER A 29 -2.48 -5.88 4.43
CA SER A 29 -2.20 -5.42 5.78
C SER A 29 -3.02 -4.17 6.11
N PRO A 30 -3.25 -3.89 7.40
CA PRO A 30 -4.02 -2.73 7.84
C PRO A 30 -3.37 -1.41 7.42
N LYS A 31 -2.65 -0.77 8.33
CA LYS A 31 -1.97 0.49 8.04
C LYS A 31 -0.97 0.29 6.91
N ALA A 32 0.24 -0.14 7.26
CA ALA A 32 1.29 -0.39 6.28
C ALA A 32 1.72 0.89 5.56
N VAL A 33 3.01 0.98 5.23
CA VAL A 33 3.54 2.15 4.53
C VAL A 33 3.66 1.84 3.04
N CYS A 34 2.74 2.41 2.26
CA CYS A 34 2.69 2.18 0.82
C CYS A 34 3.93 2.70 0.10
N CYS A 35 5.00 1.90 0.11
CA CYS A 35 6.23 2.28 -0.57
C CYS A 35 5.95 2.51 -2.05
N ASP A 36 6.22 3.76 -2.47
CA ASP A 36 5.99 4.19 -3.84
C ASP A 36 7.22 4.03 -4.73
N ASP A 37 8.41 3.94 -4.13
CA ASP A 37 9.64 3.78 -4.90
C ASP A 37 9.40 2.80 -6.03
N MET A 38 8.71 1.72 -5.69
CA MET A 38 8.33 0.69 -6.64
C MET A 38 6.82 0.55 -6.61
N GLN A 39 6.34 -0.57 -6.06
CA GLN A 39 4.91 -0.79 -5.94
C GLN A 39 4.62 -1.75 -4.78
N HIS A 40 4.56 -1.24 -3.55
CA HIS A 40 4.28 -2.11 -2.40
C HIS A 40 4.31 -1.35 -1.09
N CYS A 41 3.71 -1.93 -0.06
CA CYS A 41 3.68 -1.29 1.25
C CYS A 41 4.21 -2.23 2.34
N CYS A 42 5.08 -1.70 3.19
CA CYS A 42 5.68 -2.50 4.26
C CYS A 42 4.76 -2.53 5.48
N PRO A 43 4.73 -3.67 6.20
CA PRO A 43 3.89 -3.86 7.39
C PRO A 43 3.90 -2.68 8.35
N ALA A 44 2.69 -2.25 8.73
CA ALA A 44 2.50 -1.13 9.63
C ALA A 44 3.56 -1.14 10.73
N GLY A 45 4.33 -0.06 10.80
CA GLY A 45 5.36 0.05 11.81
C GLY A 45 6.76 0.08 11.22
N TYR A 46 6.90 -0.24 9.94
CA TYR A 46 8.22 -0.23 9.30
C TYR A 46 8.26 0.80 8.18
N LYS A 47 9.45 1.13 7.72
CA LYS A 47 9.62 2.10 6.65
C LYS A 47 10.52 1.55 5.54
N CYS A 48 10.33 2.06 4.33
CA CYS A 48 11.11 1.64 3.18
C CYS A 48 12.44 2.40 3.12
N GLY A 49 13.46 1.76 2.56
CA GLY A 49 14.77 2.38 2.45
C GLY A 49 15.42 2.12 1.10
N PRO A 50 16.63 2.67 0.89
CA PRO A 50 17.36 2.48 -0.37
C PRO A 50 17.70 1.01 -0.64
N GLY A 51 17.06 0.43 -1.66
CA GLY A 51 17.31 -0.96 -1.99
C GLY A 51 16.09 -1.83 -1.78
N GLY A 52 14.92 -1.21 -1.69
CA GLY A 52 13.69 -1.96 -1.49
C GLY A 52 13.70 -2.77 -0.21
N THR A 53 14.23 -2.19 0.86
CA THR A 53 14.30 -2.87 2.15
C THR A 53 13.31 -2.27 3.14
N CYS A 54 13.36 -2.76 4.38
CA CYS A 54 12.47 -2.27 5.43
C CYS A 54 13.19 -2.21 6.77
N ILE A 55 13.10 -1.05 7.42
CA ILE A 55 13.74 -0.84 8.71
C ILE A 55 12.77 -0.20 9.70
N SER A 56 13.27 0.05 10.92
CA SER A 56 12.45 0.66 11.96
C SER A 56 13.31 1.42 12.96
N ASP A 1 -16.25 -6.11 -1.85
CA ASP A 1 -15.02 -5.29 -1.96
C ASP A 1 -14.80 -4.43 -0.72
N VAL A 2 -13.82 -3.54 -0.77
CA VAL A 2 -13.52 -2.67 0.36
C VAL A 2 -14.01 -1.25 0.10
N GLN A 3 -13.10 -0.38 -0.36
CA GLN A 3 -13.42 1.02 -0.66
C GLN A 3 -12.14 1.83 -0.80
N CYS A 4 -11.35 1.50 -1.82
CA CYS A 4 -10.07 2.18 -2.06
C CYS A 4 -10.22 3.70 -2.03
N GLY A 5 -11.27 4.20 -2.67
CA GLY A 5 -11.48 5.64 -2.71
C GLY A 5 -11.20 6.20 -4.08
N GLY A 6 -11.92 5.71 -5.07
CA GLY A 6 -11.75 6.17 -6.44
C GLY A 6 -12.48 5.28 -7.42
N GLY A 7 -11.78 4.33 -8.01
CA GLY A 7 -12.40 3.43 -8.97
C GLY A 7 -12.02 1.98 -8.75
N PHE A 8 -11.09 1.73 -7.83
CA PHE A 8 -10.64 0.36 -7.56
C PHE A 8 -11.42 -0.27 -6.41
N SER A 9 -11.00 -1.49 -6.06
CA SER A 9 -11.62 -2.25 -4.98
C SER A 9 -10.76 -3.47 -4.65
N CYS A 10 -10.85 -3.94 -3.42
CA CYS A 10 -10.06 -5.10 -3.00
C CYS A 10 -10.79 -5.94 -1.96
N HIS A 11 -10.09 -6.93 -1.41
CA HIS A 11 -10.68 -7.84 -0.42
C HIS A 11 -10.63 -7.32 1.01
N ASP A 12 -11.60 -7.78 1.80
CA ASP A 12 -11.72 -7.40 3.20
C ASP A 12 -10.41 -7.69 3.93
N GLY A 13 -10.04 -6.82 4.85
CA GLY A 13 -8.81 -6.99 5.60
C GLY A 13 -7.62 -6.39 4.88
N GLU A 14 -7.86 -5.93 3.65
CA GLU A 14 -6.79 -5.32 2.86
C GLU A 14 -6.89 -3.80 2.90
N THR A 15 -5.86 -3.13 2.39
CA THR A 15 -5.83 -1.67 2.36
C THR A 15 -5.39 -1.19 0.99
N CYS A 16 -6.08 -0.18 0.47
CA CYS A 16 -5.76 0.36 -0.85
C CYS A 16 -4.76 1.50 -0.76
N CYS A 17 -3.72 1.43 -1.58
CA CYS A 17 -2.69 2.46 -1.60
C CYS A 17 -2.66 3.16 -2.97
N PRO A 18 -2.74 4.50 -2.97
CA PRO A 18 -2.74 5.29 -4.19
C PRO A 18 -1.33 5.63 -4.64
N THR A 19 -0.53 4.62 -4.93
CA THR A 19 0.85 4.82 -5.37
C THR A 19 0.91 5.34 -6.81
N SER A 20 -0.26 5.62 -7.38
CA SER A 20 -0.34 6.12 -8.75
C SER A 20 -1.44 7.17 -8.87
N GLN A 21 -1.61 7.70 -10.07
CA GLN A 21 -2.63 8.71 -10.33
C GLN A 21 -3.89 8.06 -10.88
N THR A 22 -3.73 6.97 -11.63
CA THR A 22 -4.85 6.26 -12.21
C THR A 22 -4.84 4.78 -11.82
N THR A 23 -3.91 4.40 -10.96
CA THR A 23 -3.79 3.01 -10.52
C THR A 23 -3.80 2.90 -9.01
N TRP A 24 -4.46 1.85 -8.51
CA TRP A 24 -4.57 1.60 -7.07
C TRP A 24 -3.92 0.27 -6.71
N GLY A 25 -2.97 0.29 -5.78
CA GLY A 25 -2.31 -0.94 -5.36
C GLY A 25 -2.97 -1.57 -4.16
N CYS A 26 -3.05 -2.90 -4.15
CA CYS A 26 -3.66 -3.62 -3.03
C CYS A 26 -2.62 -4.04 -2.02
N CYS A 27 -2.81 -3.63 -0.77
CA CYS A 27 -1.89 -3.97 0.31
C CYS A 27 -2.54 -4.91 1.31
N PRO A 28 -1.76 -5.83 1.92
CA PRO A 28 -2.29 -6.80 2.88
C PRO A 28 -2.45 -6.21 4.29
N SER A 29 -1.35 -5.68 4.84
CA SER A 29 -1.37 -5.10 6.17
C SER A 29 -2.38 -3.96 6.28
N PRO A 30 -2.94 -3.73 7.49
CA PRO A 30 -3.93 -2.69 7.73
C PRO A 30 -3.39 -1.28 7.45
N LYS A 31 -2.89 -0.62 8.50
CA LYS A 31 -2.36 0.73 8.36
C LYS A 31 -0.93 0.72 7.78
N ALA A 32 -0.69 -0.21 6.86
CA ALA A 32 0.62 -0.32 6.22
C ALA A 32 0.96 0.95 5.46
N VAL A 33 2.25 1.12 5.17
CA VAL A 33 2.72 2.29 4.43
C VAL A 33 3.11 1.88 3.01
N CYS A 34 2.32 2.32 2.04
CA CYS A 34 2.58 1.99 0.65
C CYS A 34 3.87 2.64 0.14
N CYS A 35 4.91 1.82 -0.03
CA CYS A 35 6.19 2.31 -0.52
C CYS A 35 5.98 3.04 -1.85
N ASP A 36 6.14 4.37 -1.79
CA ASP A 36 5.95 5.21 -2.96
C ASP A 36 7.25 5.49 -3.70
N ASP A 37 8.40 5.18 -3.07
CA ASP A 37 9.68 5.40 -3.71
C ASP A 37 9.71 4.72 -5.08
N MET A 38 9.15 3.52 -5.14
CA MET A 38 9.07 2.76 -6.37
C MET A 38 7.67 2.20 -6.56
N GLN A 39 7.47 0.96 -6.11
CA GLN A 39 6.16 0.32 -6.17
C GLN A 39 6.08 -0.78 -5.13
N HIS A 40 5.77 -0.43 -3.88
CA HIS A 40 5.70 -1.45 -2.83
C HIS A 40 4.84 -1.04 -1.65
N CYS A 41 4.85 -1.90 -0.63
CA CYS A 41 4.09 -1.69 0.59
C CYS A 41 4.89 -2.17 1.80
N CYS A 42 4.73 -1.48 2.93
CA CYS A 42 5.45 -1.84 4.15
C CYS A 42 4.47 -2.08 5.31
N PRO A 43 4.52 -3.26 5.94
CA PRO A 43 3.64 -3.59 7.05
C PRO A 43 3.55 -2.50 8.11
N ALA A 44 2.31 -2.14 8.46
CA ALA A 44 2.06 -1.10 9.45
C ALA A 44 3.02 -1.21 10.63
N GLY A 45 3.91 -0.22 10.75
CA GLY A 45 4.87 -0.22 11.82
C GLY A 45 6.30 -0.29 11.33
N TYR A 46 6.48 -0.40 10.01
CA TYR A 46 7.82 -0.47 9.43
C TYR A 46 8.06 0.69 8.46
N LYS A 47 9.31 0.90 8.08
CA LYS A 47 9.67 1.98 7.15
C LYS A 47 10.30 1.40 5.89
N CYS A 48 10.08 2.08 4.77
CA CYS A 48 10.65 1.63 3.50
C CYS A 48 12.02 2.26 3.26
N GLY A 49 13.03 1.42 3.06
CA GLY A 49 14.37 1.92 2.82
C GLY A 49 14.62 2.25 1.36
N PRO A 50 15.77 2.88 1.04
CA PRO A 50 16.13 3.25 -0.33
C PRO A 50 16.49 2.04 -1.18
N GLY A 51 16.31 0.85 -0.63
CA GLY A 51 16.64 -0.36 -1.35
C GLY A 51 15.40 -1.05 -1.93
N GLY A 52 14.31 -1.02 -1.17
CA GLY A 52 13.07 -1.64 -1.62
C GLY A 52 12.57 -2.68 -0.65
N THR A 53 12.99 -2.58 0.61
CA THR A 53 12.58 -3.51 1.65
C THR A 53 12.08 -2.77 2.89
N CYS A 54 11.44 -3.51 3.79
CA CYS A 54 10.92 -2.92 5.02
C CYS A 54 11.92 -3.11 6.17
N ILE A 55 12.35 -2.00 6.76
CA ILE A 55 13.29 -2.05 7.87
C ILE A 55 12.78 -1.23 9.06
N SER A 56 13.43 -1.40 10.20
CA SER A 56 13.04 -0.68 11.41
C SER A 56 14.20 -0.61 12.40
N ASP A 1 -17.01 -4.94 -0.36
CA ASP A 1 -15.58 -4.71 -0.70
C ASP A 1 -15.02 -3.50 0.05
N VAL A 2 -13.83 -3.07 -0.34
CA VAL A 2 -13.18 -1.92 0.29
C VAL A 2 -12.92 -0.82 -0.72
N GLN A 3 -13.63 0.30 -0.56
CA GLN A 3 -13.49 1.44 -1.46
C GLN A 3 -12.08 2.02 -1.39
N CYS A 4 -11.22 1.59 -2.31
CA CYS A 4 -9.84 2.04 -2.37
C CYS A 4 -9.76 3.57 -2.34
N GLY A 5 -10.70 4.22 -2.99
CA GLY A 5 -10.72 5.68 -3.02
C GLY A 5 -11.23 6.20 -4.35
N GLY A 6 -10.37 6.20 -5.37
CA GLY A 6 -10.77 6.68 -6.67
C GLY A 6 -11.88 5.84 -7.27
N GLY A 7 -11.57 4.58 -7.58
CA GLY A 7 -12.59 3.71 -8.17
C GLY A 7 -12.20 2.24 -8.14
N PHE A 8 -11.15 1.89 -7.40
CA PHE A 8 -10.72 0.50 -7.32
C PHE A 8 -11.29 -0.18 -6.08
N SER A 9 -10.98 -1.47 -5.91
CA SER A 9 -11.45 -2.23 -4.77
C SER A 9 -10.61 -3.49 -4.56
N CYS A 10 -10.64 -4.01 -3.34
CA CYS A 10 -9.88 -5.20 -3.00
C CYS A 10 -10.60 -6.04 -1.94
N HIS A 11 -9.93 -7.06 -1.41
CA HIS A 11 -10.54 -7.95 -0.41
C HIS A 11 -10.44 -7.40 1.02
N ASP A 12 -11.42 -7.78 1.83
CA ASP A 12 -11.47 -7.37 3.23
C ASP A 12 -10.15 -7.65 3.92
N GLY A 13 -9.71 -6.70 4.75
CA GLY A 13 -8.46 -6.87 5.47
C GLY A 13 -7.27 -6.30 4.70
N GLU A 14 -7.52 -5.85 3.47
CA GLU A 14 -6.46 -5.29 2.64
C GLU A 14 -6.32 -3.78 2.85
N THR A 15 -5.30 -3.21 2.22
CA THR A 15 -5.05 -1.77 2.29
C THR A 15 -4.83 -1.23 0.88
N CYS A 16 -5.54 -0.18 0.51
CA CYS A 16 -5.41 0.40 -0.82
C CYS A 16 -4.33 1.49 -0.84
N CYS A 17 -3.38 1.34 -1.75
CA CYS A 17 -2.28 2.31 -1.87
C CYS A 17 -2.20 2.87 -3.30
N PRO A 18 -2.23 4.20 -3.44
CA PRO A 18 -2.14 4.85 -4.75
C PRO A 18 -0.70 5.04 -5.20
N THR A 19 -0.24 4.15 -6.08
CA THR A 19 1.13 4.21 -6.58
C THR A 19 1.25 5.04 -7.85
N SER A 20 0.14 5.61 -8.30
CA SER A 20 0.14 6.42 -9.52
C SER A 20 -0.93 7.50 -9.46
N GLN A 21 -1.31 8.01 -10.63
CA GLN A 21 -2.35 9.05 -10.71
C GLN A 21 -3.67 8.51 -10.19
N THR A 22 -3.99 7.27 -10.56
CA THR A 22 -5.23 6.65 -10.13
C THR A 22 -5.00 5.20 -9.74
N THR A 23 -4.25 4.47 -10.58
CA THR A 23 -3.94 3.06 -10.35
C THR A 23 -3.84 2.74 -8.86
N TRP A 24 -4.65 1.79 -8.41
CA TRP A 24 -4.67 1.40 -7.01
C TRP A 24 -4.04 0.02 -6.81
N GLY A 25 -3.19 -0.09 -5.78
CA GLY A 25 -2.53 -1.35 -5.49
C GLY A 25 -3.02 -1.98 -4.20
N CYS A 26 -3.03 -3.31 -4.17
CA CYS A 26 -3.49 -4.07 -3.00
C CYS A 26 -2.32 -4.35 -2.05
N CYS A 27 -2.36 -3.72 -0.90
CA CYS A 27 -1.31 -3.87 0.10
C CYS A 27 -1.82 -4.58 1.36
N PRO A 28 -0.93 -5.30 2.08
CA PRO A 28 -1.31 -6.02 3.29
C PRO A 28 -1.25 -5.12 4.53
N SER A 29 -1.28 -5.75 5.70
CA SER A 29 -1.22 -5.03 6.98
C SER A 29 -2.46 -4.14 7.19
N PRO A 30 -2.82 -3.87 8.46
CA PRO A 30 -3.98 -3.04 8.79
C PRO A 30 -3.90 -1.63 8.20
N LYS A 31 -2.84 -0.91 8.57
CA LYS A 31 -2.63 0.44 8.05
C LYS A 31 -1.74 0.39 6.80
N ALA A 32 -0.49 0.01 7.01
CA ALA A 32 0.48 -0.11 5.93
C ALA A 32 0.75 1.22 5.23
N VAL A 33 2.04 1.54 5.09
CA VAL A 33 2.45 2.76 4.42
C VAL A 33 2.81 2.45 2.97
N CYS A 34 2.14 3.11 2.04
CA CYS A 34 2.38 2.87 0.62
C CYS A 34 3.71 3.46 0.14
N CYS A 35 4.69 2.57 -0.05
CA CYS A 35 6.00 2.98 -0.53
C CYS A 35 5.84 3.66 -1.89
N ASP A 36 6.12 4.95 -1.92
CA ASP A 36 5.99 5.76 -3.14
C ASP A 36 7.31 5.94 -3.86
N ASP A 37 8.43 5.61 -3.21
CA ASP A 37 9.74 5.75 -3.85
C ASP A 37 9.74 5.01 -5.18
N MET A 38 9.11 3.83 -5.17
CA MET A 38 9.01 3.01 -6.36
C MET A 38 7.57 2.55 -6.55
N GLN A 39 7.27 1.33 -6.09
CA GLN A 39 5.91 0.80 -6.16
C GLN A 39 5.73 -0.27 -5.09
N HIS A 40 5.45 0.13 -3.85
CA HIS A 40 5.30 -0.86 -2.79
C HIS A 40 4.58 -0.33 -1.55
N CYS A 41 4.58 -1.17 -0.52
CA CYS A 41 3.94 -0.83 0.75
C CYS A 41 4.65 -1.53 1.90
N CYS A 42 4.63 -0.92 3.08
CA CYS A 42 5.28 -1.49 4.25
C CYS A 42 4.26 -1.73 5.37
N PRO A 43 4.46 -2.79 6.18
CA PRO A 43 3.55 -3.14 7.27
C PRO A 43 3.14 -1.93 8.12
N ALA A 44 1.99 -2.06 8.77
CA ALA A 44 1.47 -0.99 9.61
C ALA A 44 2.38 -0.73 10.80
N GLY A 45 3.28 0.24 10.65
CA GLY A 45 4.20 0.57 11.71
C GLY A 45 5.64 0.36 11.30
N TYR A 46 5.85 0.12 10.01
CA TYR A 46 7.20 -0.10 9.47
C TYR A 46 7.57 1.03 8.53
N LYS A 47 8.84 1.04 8.11
CA LYS A 47 9.33 2.05 7.19
C LYS A 47 9.88 1.40 5.92
N CYS A 48 9.70 2.07 4.79
CA CYS A 48 10.19 1.55 3.51
C CYS A 48 11.60 2.07 3.24
N GLY A 49 12.53 1.14 3.03
CA GLY A 49 13.90 1.52 2.75
C GLY A 49 14.14 1.82 1.29
N PRO A 50 15.25 2.51 0.96
CA PRO A 50 15.58 2.84 -0.43
C PRO A 50 16.18 1.64 -1.15
N GLY A 51 15.32 0.71 -1.55
CA GLY A 51 15.78 -0.49 -2.23
C GLY A 51 16.23 -1.52 -1.23
N GLY A 52 16.70 -1.06 -0.07
CA GLY A 52 17.11 -1.98 0.96
C GLY A 52 16.04 -3.02 1.16
N THR A 53 15.00 -2.65 1.92
CA THR A 53 13.86 -3.53 2.17
C THR A 53 12.96 -2.90 3.24
N CYS A 54 11.95 -3.64 3.70
CA CYS A 54 11.04 -3.10 4.71
C CYS A 54 11.62 -3.34 6.10
N ILE A 55 11.70 -2.27 6.89
CA ILE A 55 12.26 -2.34 8.24
C ILE A 55 11.21 -2.03 9.30
N SER A 56 11.42 -2.58 10.50
CA SER A 56 10.50 -2.37 11.61
C SER A 56 10.80 -1.04 12.32
N ASP A 1 -13.57 -4.09 4.35
CA ASP A 1 -13.04 -4.59 3.06
C ASP A 1 -11.86 -3.76 2.60
N VAL A 2 -12.17 -2.70 1.89
CA VAL A 2 -11.19 -1.77 1.37
C VAL A 2 -11.78 -0.37 1.20
N GLN A 3 -10.92 0.62 1.02
CA GLN A 3 -11.35 2.00 0.82
C GLN A 3 -10.23 2.81 0.16
N CYS A 4 -9.98 2.52 -1.10
CA CYS A 4 -8.93 3.21 -1.85
C CYS A 4 -9.07 4.72 -1.76
N GLY A 5 -10.19 5.23 -2.23
CA GLY A 5 -10.43 6.65 -2.21
C GLY A 5 -11.88 7.00 -2.42
N GLY A 6 -12.55 6.20 -3.25
CA GLY A 6 -13.94 6.43 -3.53
C GLY A 6 -14.36 5.83 -4.86
N GLY A 7 -13.40 5.57 -5.74
CA GLY A 7 -13.71 5.00 -7.04
C GLY A 7 -13.39 3.52 -7.12
N PHE A 8 -12.23 3.11 -6.62
CA PHE A 8 -11.85 1.69 -6.68
C PHE A 8 -12.06 1.02 -5.34
N SER A 9 -11.82 -0.29 -5.31
CA SER A 9 -11.97 -1.08 -4.09
C SER A 9 -11.12 -2.34 -4.15
N CYS A 10 -11.13 -3.11 -3.07
CA CYS A 10 -10.39 -4.36 -3.01
C CYS A 10 -11.06 -5.32 -2.04
N HIS A 11 -10.43 -6.46 -1.79
CA HIS A 11 -11.00 -7.45 -0.89
C HIS A 11 -10.66 -7.14 0.57
N ASP A 12 -11.40 -7.79 1.47
CA ASP A 12 -11.20 -7.62 2.90
C ASP A 12 -9.77 -8.00 3.29
N GLY A 13 -9.08 -7.07 3.93
CA GLY A 13 -7.72 -7.33 4.36
C GLY A 13 -6.68 -6.67 3.48
N GLU A 14 -7.06 -6.27 2.26
CA GLU A 14 -6.11 -5.65 1.34
C GLU A 14 -6.08 -4.13 1.54
N THR A 15 -5.08 -3.49 0.93
CA THR A 15 -4.91 -2.05 1.04
C THR A 15 -4.73 -1.40 -0.33
N CYS A 16 -5.51 -0.38 -0.60
CA CYS A 16 -5.42 0.34 -1.87
C CYS A 16 -4.38 1.45 -1.80
N CYS A 17 -3.35 1.34 -2.62
CA CYS A 17 -2.30 2.34 -2.66
C CYS A 17 -2.22 2.98 -4.05
N PRO A 18 -2.29 4.31 -4.12
CA PRO A 18 -2.24 5.03 -5.39
C PRO A 18 -0.80 5.26 -5.85
N THR A 19 -0.24 4.26 -6.54
CA THR A 19 1.13 4.35 -7.03
C THR A 19 1.19 4.94 -8.43
N SER A 20 0.04 5.40 -8.92
CA SER A 20 -0.03 6.00 -10.24
C SER A 20 -1.02 7.16 -10.26
N GLN A 21 -1.91 7.18 -11.25
CA GLN A 21 -2.90 8.24 -11.36
C GLN A 21 -4.16 7.74 -12.07
N THR A 22 -3.99 6.70 -12.87
CA THR A 22 -5.10 6.12 -13.61
C THR A 22 -5.47 4.74 -13.09
N THR A 23 -4.70 4.24 -12.13
CA THR A 23 -4.96 2.93 -11.55
C THR A 23 -4.71 2.91 -10.04
N TRP A 24 -5.12 1.81 -9.40
CA TRP A 24 -4.95 1.63 -7.97
C TRP A 24 -4.23 0.32 -7.69
N GLY A 25 -3.46 0.29 -6.60
CA GLY A 25 -2.73 -0.92 -6.26
C GLY A 25 -3.31 -1.65 -5.07
N CYS A 26 -3.32 -2.98 -5.12
CA CYS A 26 -3.86 -3.79 -4.04
C CYS A 26 -2.73 -4.54 -3.31
N CYS A 27 -2.55 -4.22 -2.03
CA CYS A 27 -1.51 -4.85 -1.23
C CYS A 27 -2.12 -5.80 -0.19
N PRO A 28 -1.66 -7.05 -0.14
CA PRO A 28 -2.15 -8.05 0.81
C PRO A 28 -1.60 -7.82 2.22
N SER A 29 -2.06 -6.76 2.86
CA SER A 29 -1.62 -6.41 4.21
C SER A 29 -2.61 -5.48 4.89
N PRO A 30 -2.58 -5.39 6.24
CA PRO A 30 -3.49 -4.51 7.00
C PRO A 30 -3.23 -3.04 6.73
N LYS A 31 -3.02 -2.26 7.79
CA LYS A 31 -2.77 -0.83 7.66
C LYS A 31 -1.32 -0.57 7.23
N ALA A 32 -0.87 -1.29 6.22
CA ALA A 32 0.49 -1.16 5.71
C ALA A 32 0.67 0.16 4.96
N VAL A 33 1.91 0.66 4.93
CA VAL A 33 2.23 1.90 4.23
C VAL A 33 2.70 1.56 2.82
N CYS A 34 2.12 2.21 1.82
CA CYS A 34 2.47 1.93 0.43
C CYS A 34 3.81 2.56 0.03
N CYS A 35 4.86 1.73 0.02
CA CYS A 35 6.18 2.18 -0.39
C CYS A 35 6.10 2.75 -1.80
N ASP A 36 6.30 4.06 -1.89
CA ASP A 36 6.21 4.77 -3.17
C ASP A 36 7.55 4.88 -3.89
N ASP A 37 8.66 4.65 -3.19
CA ASP A 37 9.97 4.75 -3.82
C ASP A 37 10.02 3.92 -5.09
N MET A 38 9.45 2.72 -5.02
CA MET A 38 9.38 1.83 -6.16
C MET A 38 7.96 1.33 -6.35
N GLN A 39 7.67 0.14 -5.82
CA GLN A 39 6.33 -0.42 -5.88
C GLN A 39 6.14 -1.42 -4.75
N HIS A 40 5.84 -0.94 -3.54
CA HIS A 40 5.69 -1.87 -2.42
C HIS A 40 4.91 -1.29 -1.26
N CYS A 41 4.87 -2.05 -0.16
CA CYS A 41 4.17 -1.65 1.06
C CYS A 41 4.83 -2.30 2.28
N CYS A 42 4.80 -1.62 3.41
CA CYS A 42 5.40 -2.15 4.64
C CYS A 42 4.35 -2.30 5.74
N PRO A 43 4.46 -3.35 6.57
CA PRO A 43 3.50 -3.62 7.66
C PRO A 43 3.11 -2.37 8.44
N ALA A 44 1.87 -2.36 8.90
CA ALA A 44 1.34 -1.23 9.66
C ALA A 44 2.26 -0.85 10.82
N GLY A 45 3.10 0.15 10.60
CA GLY A 45 4.01 0.59 11.63
C GLY A 45 5.46 0.54 11.18
N TYR A 46 5.67 0.32 9.88
CA TYR A 46 7.02 0.25 9.33
C TYR A 46 7.22 1.32 8.25
N LYS A 47 8.48 1.63 7.96
CA LYS A 47 8.81 2.63 6.94
C LYS A 47 9.73 2.03 5.90
N CYS A 48 9.78 2.65 4.72
CA CYS A 48 10.62 2.16 3.64
C CYS A 48 12.05 2.69 3.78
N GLY A 49 13.01 1.88 3.35
CA GLY A 49 14.40 2.27 3.43
C GLY A 49 15.07 2.31 2.07
N PRO A 50 16.29 2.86 1.98
CA PRO A 50 17.03 2.96 0.71
C PRO A 50 17.30 1.58 0.09
N GLY A 51 17.14 0.53 0.90
CA GLY A 51 17.38 -0.81 0.42
C GLY A 51 16.09 -1.57 0.14
N GLY A 52 15.01 -0.83 -0.11
CA GLY A 52 13.72 -1.45 -0.39
C GLY A 52 13.25 -2.33 0.76
N THR A 53 13.69 -2.02 1.97
CA THR A 53 13.31 -2.79 3.14
C THR A 53 12.36 -2.01 4.04
N CYS A 54 11.90 -2.65 5.11
CA CYS A 54 10.99 -2.02 6.07
C CYS A 54 11.58 -2.02 7.47
N ILE A 55 11.65 -0.83 8.08
CA ILE A 55 12.20 -0.69 9.42
C ILE A 55 11.18 -0.08 10.37
N SER A 56 11.55 0.02 11.64
CA SER A 56 10.65 0.58 12.66
C SER A 56 11.16 1.94 13.13
#